data_7BKG
#
_entry.id   7BKG
#
_cell.length_a   45.935
_cell.length_b   62.304
_cell.length_c   107.61
_cell.angle_alpha   91.64
_cell.angle_beta   98.25
_cell.angle_gamma   111.64
#
_symmetry.space_group_name_H-M   'P 1'
#
loop_
_entity.id
_entity.type
_entity.pdbx_description
1 polymer 'Nicotinamide N-methyltransferase'
2 non-polymer S-ADENOSYL-L-HOMOCYSTEINE
3 non-polymer 5,6-dihydro-2-imino-2H,4H-thiazolo(5,4,3-IJ)quinoline
4 water water
#
_entity_poly.entity_id   1
_entity_poly.type   'polypeptide(L)'
_entity_poly.pdbx_seq_one_letter_code
;MGSSHHHHHHSSGLVPRGSMESGFTSKDTYLSHFNPRDYLEKYYKFGSRHSAESQILKHLLKNLFKIFCLDGVKGDLLID
IGSGPTIYQLLSACESFKEIVVTDYSDQNLQELEKWLKAAPAAFDWSPVVTYVCDLEGNRVKGPEKEEKLRQAVKQVLKC
DVTQSQPLGAVPLPPADCVLSTLCLDAACPDLPTYCRALRNLGSLLKPGGFLVIMDALKSSYYMIGEQKFSSLPLGREAV
EAAVKEAGYTIEWFEVISQSYSSTMANNEGLFSLVARKLSRPL
;
_entity_poly.pdbx_strand_id   A,B,C,D
#
loop_
_chem_comp.id
_chem_comp.type
_chem_comp.name
_chem_comp.formula
SAH non-polymer S-ADENOSYL-L-HOMOCYSTEINE 'C14 H20 N6 O5 S'
U0Z non-polymer 5,6-dihydro-2-imino-2H,4H-thiazolo(5,4,3-IJ)quinoline 'C10 H10 N2 S'
#
# COMPACT_ATOMS: atom_id res chain seq x y z
N HIS A 10 -1.83 -16.81 4.02
CA HIS A 10 -2.41 -16.25 5.24
C HIS A 10 -1.35 -16.26 6.36
N SER A 11 -0.06 -16.04 6.02
CA SER A 11 1.05 -16.12 6.98
C SER A 11 1.47 -14.80 7.60
N SER A 12 0.98 -13.66 7.06
CA SER A 12 1.24 -12.30 7.52
C SER A 12 2.72 -11.90 7.49
N GLY A 13 3.32 -11.98 6.30
CA GLY A 13 4.71 -11.57 6.08
C GLY A 13 5.80 -12.46 6.65
N LEU A 14 5.40 -13.47 7.44
CA LEU A 14 6.34 -14.43 8.03
C LEU A 14 7.14 -15.16 6.95
N VAL A 15 6.48 -15.39 5.81
CA VAL A 15 6.89 -16.15 4.67
C VAL A 15 6.15 -15.55 3.45
N PRO A 16 6.75 -15.58 2.25
CA PRO A 16 6.07 -15.00 1.08
C PRO A 16 4.72 -15.64 0.77
N ARG A 17 3.80 -14.84 0.22
CA ARG A 17 2.47 -15.24 -0.20
C ARG A 17 2.50 -16.45 -1.11
N GLY A 18 1.70 -17.45 -0.81
CA GLY A 18 1.64 -18.65 -1.62
C GLY A 18 2.76 -19.63 -1.42
N SER A 19 3.59 -19.45 -0.36
CA SER A 19 4.73 -20.35 -0.18
C SER A 19 4.72 -21.20 1.06
N MET A 20 3.66 -21.16 1.89
CA MET A 20 3.67 -21.90 3.15
C MET A 20 3.87 -23.38 2.96
N GLU A 21 3.24 -23.94 1.94
CA GLU A 21 3.33 -25.35 1.67
C GLU A 21 4.60 -25.77 0.94
N SER A 22 4.93 -25.15 -0.20
CA SER A 22 6.07 -25.59 -1.02
C SER A 22 7.39 -24.88 -0.82
N GLY A 23 7.37 -23.77 -0.08
CA GLY A 23 8.57 -22.98 0.13
C GLY A 23 8.75 -21.84 -0.84
N PHE A 24 7.96 -21.83 -1.93
CA PHE A 24 8.04 -20.79 -2.95
C PHE A 24 6.66 -20.38 -3.38
N THR A 25 6.49 -19.08 -3.73
CA THR A 25 5.24 -18.50 -4.19
C THR A 25 4.66 -19.28 -5.37
N SER A 26 3.48 -19.83 -5.17
CA SER A 26 2.81 -20.61 -6.16
C SER A 26 2.36 -19.69 -7.30
N LYS A 27 2.22 -20.23 -8.55
CA LYS A 27 1.83 -19.36 -9.66
C LYS A 27 0.40 -18.86 -9.58
N ASP A 28 -0.53 -19.54 -8.87
CA ASP A 28 -1.89 -19.00 -8.76
C ASP A 28 -1.92 -17.68 -7.95
N THR A 29 -0.92 -17.48 -7.03
CA THR A 29 -0.74 -16.23 -6.29
C THR A 29 -0.50 -15.07 -7.27
N TYR A 30 0.13 -15.35 -8.45
CA TYR A 30 0.33 -14.34 -9.48
C TYR A 30 -0.96 -13.95 -10.18
N LEU A 31 -1.99 -14.79 -10.13
CA LEU A 31 -3.29 -14.47 -10.72
C LEU A 31 -4.21 -13.80 -9.68
N SER A 32 -4.00 -14.04 -8.39
CA SER A 32 -4.81 -13.46 -7.34
C SER A 32 -4.26 -12.18 -6.69
N HIS A 33 -3.03 -12.25 -6.15
CA HIS A 33 -2.45 -11.18 -5.35
C HIS A 33 -1.46 -10.27 -6.01
N PHE A 34 -1.14 -10.48 -7.30
CA PHE A 34 -0.20 -9.58 -7.96
C PHE A 34 -0.97 -8.41 -8.51
N ASN A 35 -0.87 -7.22 -7.88
CA ASN A 35 -1.59 -6.04 -8.36
C ASN A 35 -0.77 -5.22 -9.35
N PRO A 36 -1.14 -5.20 -10.63
CA PRO A 36 -0.35 -4.46 -11.63
C PRO A 36 -0.18 -3.00 -11.31
N ARG A 37 -1.26 -2.32 -10.90
CA ARG A 37 -1.21 -0.91 -10.57
C ARG A 37 -0.27 -0.60 -9.42
N ASP A 38 -0.29 -1.44 -8.37
CA ASP A 38 0.57 -1.30 -7.20
C ASP A 38 2.05 -1.60 -7.50
N TYR A 39 2.31 -2.60 -8.36
CA TYR A 39 3.67 -2.96 -8.75
C TYR A 39 4.30 -1.79 -9.50
N LEU A 40 3.53 -1.16 -10.40
CA LEU A 40 3.95 0.01 -11.19
C LEU A 40 4.16 1.24 -10.31
N GLU A 41 3.26 1.49 -9.35
CA GLU A 41 3.44 2.63 -8.44
C GLU A 41 4.69 2.42 -7.57
N LYS A 42 4.91 1.18 -7.11
CA LYS A 42 6.04 0.90 -6.25
C LYS A 42 7.40 1.01 -6.93
N TYR A 43 7.52 0.47 -8.14
CA TYR A 43 8.82 0.40 -8.81
C TYR A 43 9.03 1.27 -10.03
N TYR A 44 7.96 1.78 -10.66
CA TYR A 44 8.10 2.43 -11.95
C TYR A 44 7.51 3.81 -12.14
N LYS A 45 7.15 4.55 -11.07
CA LYS A 45 6.75 5.96 -11.27
C LYS A 45 8.06 6.76 -11.37
N PHE A 46 8.97 6.27 -12.24
CA PHE A 46 10.38 6.54 -12.44
C PHE A 46 11.04 6.33 -11.09
N GLY A 47 10.80 5.14 -10.50
CA GLY A 47 11.27 4.77 -9.17
C GLY A 47 10.67 5.70 -8.13
N SER A 48 11.37 6.82 -7.89
CA SER A 48 11.05 7.97 -7.05
C SER A 48 12.14 9.08 -7.27
N ARG A 49 12.20 10.10 -6.41
CA ARG A 49 13.16 11.22 -6.51
C ARG A 49 14.59 10.75 -6.21
N HIS A 50 15.28 10.15 -7.19
CA HIS A 50 16.64 9.60 -7.05
C HIS A 50 16.71 8.41 -6.07
N SER A 51 15.59 7.70 -5.89
CA SER A 51 15.51 6.52 -5.02
C SER A 51 16.32 5.31 -5.57
N ALA A 52 16.45 4.22 -4.79
CA ALA A 52 17.18 3.03 -5.25
C ALA A 52 16.48 2.42 -6.48
N GLU A 53 15.13 2.41 -6.47
CA GLU A 53 14.28 1.92 -7.56
C GLU A 53 14.47 2.72 -8.83
N SER A 54 14.64 4.02 -8.71
CA SER A 54 14.82 4.93 -9.83
C SER A 54 16.19 4.74 -10.46
N GLN A 55 17.23 4.57 -9.61
CA GLN A 55 18.60 4.32 -10.07
C GLN A 55 18.69 3.00 -10.82
N ILE A 56 17.98 1.99 -10.31
CA ILE A 56 17.94 0.67 -10.90
C ILE A 56 17.26 0.74 -12.25
N LEU A 57 16.16 1.46 -12.35
CA LEU A 57 15.42 1.61 -13.60
C LEU A 57 16.30 2.31 -14.65
N LYS A 58 17.05 3.34 -14.25
CA LYS A 58 17.98 4.06 -15.13
C LYS A 58 19.08 3.15 -15.62
N HIS A 59 19.59 2.28 -14.74
CA HIS A 59 20.62 1.33 -15.10
C HIS A 59 20.06 0.29 -16.05
N LEU A 60 18.84 -0.19 -15.82
CA LEU A 60 18.19 -1.12 -16.74
C LEU A 60 18.03 -0.46 -18.11
N LEU A 61 17.55 0.79 -18.14
CA LEU A 61 17.35 1.53 -19.39
C LEU A 61 18.63 1.79 -20.16
N LYS A 62 19.74 2.10 -19.45
CA LYS A 62 21.03 2.34 -20.12
C LYS A 62 21.63 1.05 -20.70
N ASN A 63 21.34 -0.09 -20.07
CA ASN A 63 21.81 -1.36 -20.56
C ASN A 63 21.02 -1.83 -21.77
N LEU A 64 19.70 -1.61 -21.80
CA LEU A 64 18.86 -2.02 -22.94
C LEU A 64 19.20 -1.18 -24.18
N PHE A 65 19.44 0.12 -23.97
CA PHE A 65 19.88 1.05 -25.02
C PHE A 65 21.23 0.58 -25.59
N LYS A 66 22.16 0.18 -24.72
CA LYS A 66 23.48 -0.27 -25.16
C LYS A 66 23.39 -1.60 -25.89
N ILE A 67 22.58 -2.53 -25.38
CA ILE A 67 22.42 -3.84 -26.01
C ILE A 67 21.77 -3.73 -27.37
N PHE A 68 20.68 -2.96 -27.47
CA PHE A 68 19.92 -2.87 -28.72
C PHE A 68 20.37 -1.81 -29.70
N CYS A 69 20.84 -0.65 -29.24
CA CYS A 69 21.23 0.44 -30.11
C CYS A 69 22.72 0.52 -30.39
N LEU A 70 23.57 0.14 -29.43
CA LEU A 70 25.03 0.25 -29.61
C LEU A 70 25.69 -1.05 -30.07
N ASP A 71 25.21 -2.20 -29.54
CA ASP A 71 25.68 -3.55 -29.87
C ASP A 71 24.87 -4.16 -31.05
N GLY A 72 25.23 -5.36 -31.51
CA GLY A 72 24.57 -5.98 -32.65
C GLY A 72 23.30 -6.78 -32.39
N VAL A 73 22.54 -6.42 -31.35
CA VAL A 73 21.32 -7.15 -31.03
C VAL A 73 20.12 -6.56 -31.78
N LYS A 74 19.78 -7.15 -32.93
CA LYS A 74 18.72 -6.67 -33.82
C LYS A 74 18.17 -7.83 -34.69
N GLY A 75 16.98 -7.63 -35.26
CA GLY A 75 16.35 -8.65 -36.08
C GLY A 75 14.91 -8.37 -36.41
N ASP A 76 14.15 -9.39 -36.79
CA ASP A 76 12.74 -9.28 -37.14
C ASP A 76 11.87 -9.39 -35.88
N LEU A 77 11.92 -10.50 -35.12
CA LEU A 77 11.08 -10.69 -33.94
C LEU A 77 11.84 -10.76 -32.59
N LEU A 78 11.32 -10.02 -31.58
CA LEU A 78 11.76 -10.08 -30.19
C LEU A 78 10.57 -10.56 -29.34
N ILE A 79 10.74 -11.59 -28.50
CA ILE A 79 9.68 -12.00 -27.58
C ILE A 79 10.09 -11.57 -26.16
N ASP A 80 9.29 -10.74 -25.51
CA ASP A 80 9.51 -10.34 -24.13
C ASP A 80 8.74 -11.33 -23.27
N ILE A 81 9.45 -11.98 -22.34
CA ILE A 81 8.94 -13.02 -21.46
C ILE A 81 8.72 -12.49 -20.02
N GLY A 82 7.51 -12.64 -19.51
CA GLY A 82 7.18 -12.18 -18.17
C GLY A 82 7.26 -10.67 -18.07
N SER A 83 6.64 -9.98 -19.06
CA SER A 83 6.62 -8.53 -19.19
C SER A 83 5.94 -7.83 -18.02
N GLY A 84 5.06 -8.51 -17.33
CA GLY A 84 4.23 -7.92 -16.29
C GLY A 84 3.35 -6.85 -16.90
N PRO A 85 3.10 -5.78 -16.14
CA PRO A 85 2.39 -4.64 -16.69
C PRO A 85 3.36 -3.58 -17.25
N THR A 86 4.67 -3.90 -17.46
CA THR A 86 5.66 -2.90 -17.88
C THR A 86 6.04 -2.93 -19.35
N ILE A 87 6.50 -1.75 -19.86
CA ILE A 87 6.97 -1.61 -21.24
C ILE A 87 8.32 -0.90 -21.35
N TYR A 88 8.97 -0.48 -20.23
CA TYR A 88 10.28 0.21 -20.26
C TYR A 88 11.35 -0.63 -21.00
N GLN A 89 11.28 -1.94 -20.80
CA GLN A 89 12.22 -2.88 -21.37
C GLN A 89 12.11 -3.03 -22.89
N LEU A 90 11.15 -2.34 -23.53
CA LEU A 90 10.93 -2.47 -24.98
C LEU A 90 11.21 -1.20 -25.77
N LEU A 91 11.41 -0.06 -25.08
CA LEU A 91 11.61 1.26 -25.65
C LEU A 91 12.79 1.31 -26.58
N SER A 92 13.97 0.81 -26.14
CA SER A 92 15.13 0.78 -27.02
C SER A 92 15.04 -0.36 -28.04
N ALA A 93 14.47 -1.50 -27.63
CA ALA A 93 14.31 -2.65 -28.51
C ALA A 93 13.49 -2.41 -29.76
N CYS A 94 12.49 -1.52 -29.72
CA CYS A 94 11.67 -1.24 -30.91
C CYS A 94 12.45 -0.51 -32.03
N GLU A 95 13.69 -0.10 -31.74
CA GLU A 95 14.62 0.52 -32.67
C GLU A 95 15.44 -0.54 -33.44
N SER A 96 15.60 -1.75 -32.87
CA SER A 96 16.38 -2.79 -33.52
C SER A 96 15.56 -3.96 -34.07
N PHE A 97 14.32 -4.12 -33.60
CA PHE A 97 13.44 -5.22 -33.99
C PHE A 97 12.20 -4.69 -34.66
N LYS A 98 11.80 -5.30 -35.79
CA LYS A 98 10.60 -4.84 -36.49
C LYS A 98 9.35 -5.16 -35.68
N GLU A 99 9.30 -6.35 -35.05
CA GLU A 99 8.16 -6.80 -34.26
C GLU A 99 8.55 -7.31 -32.87
N ILE A 100 7.68 -7.04 -31.89
CA ILE A 100 7.82 -7.46 -30.51
C ILE A 100 6.56 -8.19 -30.07
N VAL A 101 6.70 -9.26 -29.30
CA VAL A 101 5.58 -9.98 -28.73
C VAL A 101 5.75 -9.88 -27.21
N VAL A 102 4.70 -9.44 -26.47
CA VAL A 102 4.79 -9.33 -25.03
C VAL A 102 4.02 -10.45 -24.37
N THR A 103 4.58 -11.03 -23.30
CA THR A 103 3.97 -12.18 -22.65
C THR A 103 4.02 -12.11 -21.11
N ASP A 104 3.01 -12.67 -20.44
CA ASP A 104 3.03 -12.78 -18.99
C ASP A 104 2.13 -13.90 -18.54
N TYR A 105 2.41 -14.46 -17.36
CA TYR A 105 1.55 -15.47 -16.79
C TYR A 105 0.26 -14.83 -16.26
N SER A 106 0.33 -13.62 -15.75
CA SER A 106 -0.79 -12.94 -15.14
C SER A 106 -1.73 -12.26 -16.13
N ASP A 107 -3.00 -12.61 -16.02
CA ASP A 107 -4.07 -12.04 -16.85
C ASP A 107 -4.30 -10.57 -16.54
N GLN A 108 -4.11 -10.16 -15.27
CA GLN A 108 -4.30 -8.76 -14.93
C GLN A 108 -3.13 -7.92 -15.44
N ASN A 109 -1.96 -8.53 -15.64
CA ASN A 109 -0.82 -7.84 -16.22
C ASN A 109 -1.04 -7.65 -17.72
N LEU A 110 -1.56 -8.69 -18.41
CA LEU A 110 -1.90 -8.61 -19.83
C LEU A 110 -2.98 -7.56 -20.11
N GLN A 111 -3.95 -7.41 -19.18
CA GLN A 111 -4.99 -6.38 -19.28
C GLN A 111 -4.37 -4.99 -19.24
N GLU A 112 -3.44 -4.78 -18.30
CA GLU A 112 -2.73 -3.52 -18.09
C GLU A 112 -1.87 -3.17 -19.32
N LEU A 113 -1.22 -4.18 -19.92
CA LEU A 113 -0.43 -3.98 -21.13
C LEU A 113 -1.37 -3.57 -22.28
N GLU A 114 -2.52 -4.23 -22.40
CA GLU A 114 -3.50 -3.95 -23.43
C GLU A 114 -4.11 -2.56 -23.28
N LYS A 115 -4.25 -2.07 -22.03
CA LYS A 115 -4.72 -0.72 -21.76
C LYS A 115 -3.70 0.27 -22.33
N TRP A 116 -2.39 0.02 -22.11
CA TRP A 116 -1.32 0.86 -22.61
C TRP A 116 -1.24 0.83 -24.13
N LEU A 117 -1.34 -0.35 -24.75
CA LEU A 117 -1.32 -0.51 -26.23
C LEU A 117 -2.37 0.38 -26.90
N LYS A 118 -3.58 0.35 -26.37
CA LYS A 118 -4.71 1.12 -26.89
C LYS A 118 -4.69 2.59 -26.48
N ALA A 119 -3.69 3.02 -25.68
CA ALA A 119 -3.56 4.37 -25.14
C ALA A 119 -4.81 4.78 -24.40
N ALA A 120 -5.36 3.83 -23.60
CA ALA A 120 -6.53 4.10 -22.76
C ALA A 120 -6.16 5.18 -21.74
N PRO A 121 -6.92 6.27 -21.66
CA PRO A 121 -6.58 7.35 -20.70
C PRO A 121 -6.28 6.88 -19.26
N ALA A 122 -6.93 5.81 -18.81
CA ALA A 122 -6.72 5.29 -17.46
C ALA A 122 -5.42 4.48 -17.29
N ALA A 123 -4.69 4.20 -18.38
CA ALA A 123 -3.47 3.40 -18.31
C ALA A 123 -2.33 4.10 -17.53
N PHE A 124 -1.27 3.36 -17.15
CA PHE A 124 -0.14 3.96 -16.45
C PHE A 124 0.58 4.91 -17.38
N ASP A 125 1.10 5.99 -16.83
CA ASP A 125 1.83 7.00 -17.60
C ASP A 125 3.36 6.69 -17.65
N TRP A 126 3.83 6.22 -18.80
CA TRP A 126 5.25 5.92 -19.02
C TRP A 126 6.06 7.14 -19.50
N SER A 127 5.41 8.29 -19.80
CA SER A 127 6.03 9.54 -20.28
C SER A 127 7.46 9.86 -19.73
N PRO A 128 7.72 9.92 -18.40
CA PRO A 128 9.08 10.22 -17.94
C PRO A 128 10.12 9.16 -18.37
N VAL A 129 9.75 7.88 -18.30
CA VAL A 129 10.61 6.79 -18.71
C VAL A 129 10.91 6.89 -20.20
N VAL A 130 9.88 7.15 -21.00
CA VAL A 130 9.99 7.32 -22.46
C VAL A 130 10.91 8.52 -22.82
N THR A 131 10.77 9.64 -22.10
CA THR A 131 11.59 10.82 -22.36
C THR A 131 13.06 10.51 -22.03
N TYR A 132 13.30 9.77 -20.94
CA TYR A 132 14.65 9.36 -20.56
C TYR A 132 15.28 8.49 -21.67
N VAL A 133 14.50 7.55 -22.23
CA VAL A 133 15.01 6.70 -23.32
C VAL A 133 15.31 7.56 -24.57
N CYS A 134 14.46 8.55 -24.88
CA CYS A 134 14.67 9.46 -26.02
C CYS A 134 15.95 10.23 -25.87
N ASP A 135 16.23 10.74 -24.64
CA ASP A 135 17.43 11.49 -24.30
C ASP A 135 18.63 10.60 -24.51
N LEU A 136 18.57 9.32 -24.06
CA LEU A 136 19.67 8.37 -24.24
C LEU A 136 19.96 8.16 -25.72
N GLU A 137 18.91 7.99 -26.52
CA GLU A 137 19.06 7.73 -27.94
C GLU A 137 19.45 8.92 -28.79
N GLY A 138 19.67 10.08 -28.18
CA GLY A 138 20.11 11.27 -28.90
C GLY A 138 19.09 12.33 -29.22
N ASN A 139 17.86 12.19 -28.72
CA ASN A 139 16.79 13.17 -28.96
C ASN A 139 16.39 13.31 -30.43
N ARG A 140 16.52 12.25 -31.22
CA ARG A 140 16.14 12.28 -32.63
C ARG A 140 14.62 12.44 -32.83
N VAL A 141 13.82 12.00 -31.84
CA VAL A 141 12.36 12.10 -31.75
C VAL A 141 11.97 12.47 -30.30
N LYS A 142 10.73 12.92 -30.07
CA LYS A 142 10.25 13.22 -28.73
C LYS A 142 9.46 12.00 -28.19
N GLY A 143 9.16 12.02 -26.89
CA GLY A 143 8.43 10.96 -26.20
C GLY A 143 7.20 10.44 -26.90
N PRO A 144 6.23 11.31 -27.23
CA PRO A 144 5.02 10.83 -27.92
C PRO A 144 5.27 10.07 -29.22
N GLU A 145 6.29 10.44 -29.99
CA GLU A 145 6.60 9.73 -31.23
C GLU A 145 7.23 8.36 -30.96
N LYS A 146 8.04 8.28 -29.89
CA LYS A 146 8.68 7.04 -29.46
C LYS A 146 7.63 6.02 -28.97
N GLU A 147 6.64 6.47 -28.17
CA GLU A 147 5.59 5.57 -27.68
C GLU A 147 4.77 4.98 -28.80
N GLU A 148 4.45 5.76 -29.84
CA GLU A 148 3.66 5.23 -30.95
C GLU A 148 4.43 4.18 -31.75
N LYS A 149 5.74 4.39 -31.92
CA LYS A 149 6.63 3.44 -32.57
C LYS A 149 6.64 2.12 -31.75
N LEU A 150 6.67 2.22 -30.42
CA LEU A 150 6.61 1.01 -29.59
C LEU A 150 5.26 0.31 -29.72
N ARG A 151 4.14 1.06 -29.54
CA ARG A 151 2.78 0.53 -29.70
C ARG A 151 2.55 -0.19 -31.04
N GLN A 152 3.05 0.33 -32.16
CA GLN A 152 2.88 -0.32 -33.47
C GLN A 152 3.72 -1.56 -33.63
N ALA A 153 4.86 -1.65 -32.94
CA ALA A 153 5.78 -2.78 -32.99
C ALA A 153 5.28 -3.96 -32.17
N VAL A 154 4.50 -3.71 -31.11
CA VAL A 154 3.97 -4.80 -30.28
C VAL A 154 2.84 -5.44 -31.01
N LYS A 155 3.10 -6.60 -31.58
CA LYS A 155 2.13 -7.30 -32.40
C LYS A 155 1.19 -8.22 -31.63
N GLN A 156 1.68 -8.87 -30.58
CA GLN A 156 0.86 -9.81 -29.81
C GLN A 156 1.08 -9.63 -28.31
N VAL A 157 0.02 -9.89 -27.54
CA VAL A 157 -0.01 -9.83 -26.08
C VAL A 157 -0.52 -11.23 -25.75
N LEU A 158 0.36 -12.12 -25.28
CA LEU A 158 0.00 -13.52 -25.05
C LEU A 158 0.22 -14.01 -23.64
N LYS A 159 -0.48 -15.09 -23.25
CA LYS A 159 -0.29 -15.77 -21.97
C LYS A 159 1.02 -16.57 -22.05
N CYS A 160 1.78 -16.59 -20.96
CA CYS A 160 3.09 -17.23 -20.87
C CYS A 160 3.25 -18.07 -19.58
N ASP A 161 4.06 -19.13 -19.60
CA ASP A 161 4.42 -19.93 -18.42
C ASP A 161 5.76 -20.52 -18.74
N VAL A 162 6.82 -19.93 -18.18
CA VAL A 162 8.19 -20.34 -18.45
C VAL A 162 8.47 -21.79 -18.08
N THR A 163 7.67 -22.39 -17.16
CA THR A 163 7.87 -23.78 -16.71
C THR A 163 7.36 -24.84 -17.70
N GLN A 164 6.61 -24.45 -18.73
CA GLN A 164 6.08 -25.38 -19.71
C GLN A 164 7.01 -25.53 -20.91
N SER A 165 7.17 -26.76 -21.45
CA SER A 165 8.06 -27.03 -22.58
C SER A 165 7.77 -26.13 -23.80
N GLN A 166 6.49 -25.69 -23.96
CA GLN A 166 6.03 -24.73 -24.96
C GLN A 166 5.55 -23.48 -24.20
N PRO A 167 6.44 -22.55 -23.82
CA PRO A 167 6.01 -21.38 -23.03
C PRO A 167 4.74 -20.65 -23.47
N LEU A 168 4.54 -20.53 -24.77
CA LEU A 168 3.39 -19.80 -25.32
C LEU A 168 2.17 -20.69 -25.64
N GLY A 169 2.15 -21.94 -25.16
CA GLY A 169 1.06 -22.85 -25.42
C GLY A 169 1.06 -23.31 -26.87
N ALA A 170 -0.12 -23.39 -27.50
CA ALA A 170 -0.23 -23.80 -28.89
C ALA A 170 -0.18 -22.62 -29.88
N VAL A 171 0.21 -21.42 -29.41
CA VAL A 171 0.29 -20.23 -30.26
C VAL A 171 1.50 -20.33 -31.17
N PRO A 172 1.28 -20.36 -32.50
CA PRO A 172 2.41 -20.43 -33.43
C PRO A 172 3.06 -19.10 -33.73
N LEU A 173 4.36 -19.03 -33.49
CA LEU A 173 5.13 -17.83 -33.80
C LEU A 173 6.32 -18.26 -34.62
N PRO A 174 6.81 -17.38 -35.51
CA PRO A 174 8.07 -17.68 -36.18
C PRO A 174 9.21 -17.68 -35.15
N PRO A 175 10.26 -18.47 -35.40
CA PRO A 175 11.43 -18.42 -34.50
C PRO A 175 11.93 -16.98 -34.28
N ALA A 176 12.10 -16.59 -33.02
CA ALA A 176 12.52 -15.24 -32.69
C ALA A 176 14.01 -15.04 -32.88
N ASP A 177 14.40 -13.79 -33.14
CA ASP A 177 15.78 -13.36 -33.24
C ASP A 177 16.33 -13.05 -31.83
N CYS A 178 15.45 -12.64 -30.89
CA CYS A 178 15.79 -12.36 -29.52
C CYS A 178 14.68 -12.75 -28.55
N VAL A 179 15.06 -13.21 -27.36
CA VAL A 179 14.14 -13.46 -26.27
C VAL A 179 14.62 -12.54 -25.13
N LEU A 180 13.78 -11.66 -24.66
CA LEU A 180 14.15 -10.74 -23.58
C LEU A 180 13.38 -11.15 -22.29
N SER A 181 13.99 -11.07 -21.10
CA SER A 181 13.27 -11.42 -19.87
C SER A 181 13.81 -10.62 -18.68
N THR A 182 13.01 -9.65 -18.18
CA THR A 182 13.49 -8.80 -17.10
C THR A 182 12.72 -9.01 -15.81
N LEU A 183 13.43 -9.28 -14.73
CA LEU A 183 12.88 -9.41 -13.40
C LEU A 183 11.75 -10.42 -13.32
N CYS A 184 11.83 -11.49 -14.13
CA CYS A 184 10.83 -12.53 -14.19
C CYS A 184 11.32 -13.89 -13.73
N LEU A 185 12.46 -14.39 -14.27
CA LEU A 185 12.92 -15.74 -13.97
C LEU A 185 13.19 -15.97 -12.49
N ASP A 186 13.61 -14.92 -11.75
CA ASP A 186 13.81 -15.01 -10.31
C ASP A 186 12.51 -15.24 -9.59
N ALA A 187 11.42 -14.59 -10.04
CA ALA A 187 10.08 -14.70 -9.48
C ALA A 187 9.35 -16.00 -9.87
N ALA A 188 9.69 -16.54 -11.03
CA ALA A 188 9.03 -17.71 -11.59
C ALA A 188 9.63 -19.05 -11.22
N CYS A 189 10.94 -19.11 -10.99
CA CYS A 189 11.61 -20.40 -10.82
C CYS A 189 11.96 -20.75 -9.37
N PRO A 190 11.29 -21.79 -8.81
CA PRO A 190 11.50 -22.14 -7.40
C PRO A 190 12.86 -22.68 -7.03
N ASP A 191 13.56 -23.24 -8.00
CA ASP A 191 14.88 -23.80 -7.78
C ASP A 191 15.72 -23.70 -9.05
N LEU A 192 17.01 -24.04 -8.94
CA LEU A 192 17.91 -24.02 -10.08
C LEU A 192 17.56 -25.06 -11.16
N PRO A 193 17.07 -26.29 -10.86
CA PRO A 193 16.65 -27.19 -11.95
C PRO A 193 15.49 -26.60 -12.74
N THR A 194 14.50 -25.91 -12.09
CA THR A 194 13.39 -25.27 -12.83
C THR A 194 13.94 -24.07 -13.60
N TYR A 195 14.84 -23.31 -12.99
CA TYR A 195 15.43 -22.13 -13.62
C TYR A 195 16.16 -22.50 -14.91
N CYS A 196 16.94 -23.58 -14.85
CA CYS A 196 17.70 -24.11 -15.98
C CYS A 196 16.74 -24.59 -17.05
N ARG A 197 15.70 -25.34 -16.66
CA ARG A 197 14.68 -25.82 -17.57
C ARG A 197 13.88 -24.68 -18.23
N ALA A 198 13.58 -23.59 -17.51
CA ALA A 198 12.87 -22.44 -18.06
C ALA A 198 13.72 -21.79 -19.17
N LEU A 199 15.04 -21.69 -18.98
CA LEU A 199 15.94 -21.16 -20.00
C LEU A 199 15.94 -22.09 -21.24
N ARG A 200 15.77 -23.42 -21.04
CA ARG A 200 15.67 -24.37 -22.17
C ARG A 200 14.34 -24.18 -22.89
N ASN A 201 13.26 -23.93 -22.13
CA ASN A 201 11.94 -23.64 -22.67
C ASN A 201 11.92 -22.36 -23.55
N LEU A 202 12.58 -21.29 -23.09
CA LEU A 202 12.70 -20.07 -23.89
C LEU A 202 13.52 -20.29 -25.15
N GLY A 203 14.44 -21.27 -25.11
CA GLY A 203 15.27 -21.66 -26.23
C GLY A 203 14.45 -22.14 -27.41
N SER A 204 13.30 -22.81 -27.15
CA SER A 204 12.42 -23.31 -28.23
C SER A 204 11.72 -22.19 -29.04
N LEU A 205 11.72 -20.97 -28.52
CA LEU A 205 11.15 -19.83 -29.21
C LEU A 205 12.23 -19.12 -30.07
N LEU A 206 13.51 -19.50 -29.94
CA LEU A 206 14.61 -18.85 -30.63
C LEU A 206 15.14 -19.61 -31.83
N LYS A 207 15.54 -18.83 -32.88
CA LYS A 207 16.23 -19.33 -34.07
C LYS A 207 17.59 -19.89 -33.59
N PRO A 208 18.27 -20.78 -34.36
CA PRO A 208 19.62 -21.19 -33.95
C PRO A 208 20.53 -19.96 -33.98
N GLY A 209 21.23 -19.72 -32.86
CA GLY A 209 22.07 -18.55 -32.73
C GLY A 209 21.31 -17.29 -32.31
N GLY A 210 20.07 -17.44 -31.86
CA GLY A 210 19.28 -16.29 -31.42
C GLY A 210 19.79 -15.75 -30.10
N PHE A 211 19.52 -14.47 -29.82
CA PHE A 211 19.96 -13.86 -28.58
C PHE A 211 19.02 -14.12 -27.42
N LEU A 212 19.61 -14.23 -26.24
CA LEU A 212 18.88 -14.37 -24.99
C LEU A 212 19.36 -13.21 -24.16
N VAL A 213 18.45 -12.31 -23.76
CA VAL A 213 18.82 -11.14 -22.97
C VAL A 213 18.13 -11.27 -21.63
N ILE A 214 18.89 -11.38 -20.55
CA ILE A 214 18.33 -11.51 -19.20
C ILE A 214 18.89 -10.45 -18.29
N MET A 215 18.02 -9.86 -17.47
CA MET A 215 18.33 -8.87 -16.44
C MET A 215 17.49 -9.26 -15.23
N ASP A 216 18.16 -9.59 -14.13
CA ASP A 216 17.45 -9.98 -12.92
C ASP A 216 18.23 -9.63 -11.65
N ALA A 217 17.68 -9.95 -10.49
CA ALA A 217 18.26 -9.60 -9.22
C ALA A 217 19.16 -10.73 -8.70
N LEU A 218 20.20 -10.37 -7.92
CA LEU A 218 21.11 -11.38 -7.37
C LEU A 218 20.85 -11.55 -5.91
N LYS A 219 20.98 -12.78 -5.41
CA LYS A 219 20.83 -13.16 -4.00
C LYS A 219 19.58 -12.60 -3.32
N SER A 220 18.45 -12.65 -4.02
CA SER A 220 17.19 -12.12 -3.52
C SER A 220 16.23 -13.28 -3.23
N SER A 221 15.85 -13.46 -1.98
CA SER A 221 14.92 -14.52 -1.61
C SER A 221 13.44 -14.04 -1.58
N TYR A 222 13.21 -12.73 -1.74
CA TYR A 222 11.86 -12.14 -1.82
C TYR A 222 11.90 -10.75 -2.45
N TYR A 223 10.73 -10.21 -2.80
CA TYR A 223 10.50 -8.84 -3.27
C TYR A 223 9.07 -8.47 -2.85
N MET A 224 8.87 -7.20 -2.49
CA MET A 224 7.60 -6.72 -2.00
C MET A 224 6.84 -5.92 -3.03
N ILE A 225 5.51 -5.97 -2.96
CA ILE A 225 4.60 -5.10 -3.69
C ILE A 225 3.73 -4.51 -2.58
N GLY A 226 4.24 -3.47 -1.96
CA GLY A 226 3.61 -2.86 -0.80
C GLY A 226 3.91 -3.74 0.39
N GLU A 227 2.86 -4.20 1.08
CA GLU A 227 3.07 -5.16 2.19
C GLU A 227 2.89 -6.63 1.74
N GLN A 228 2.78 -6.87 0.43
CA GLN A 228 2.61 -8.22 -0.12
C GLN A 228 3.98 -8.77 -0.50
N LYS A 229 4.38 -9.88 0.12
CA LYS A 229 5.68 -10.51 -0.12
C LYS A 229 5.60 -11.63 -1.15
N PHE A 230 6.51 -11.60 -2.14
CA PHE A 230 6.58 -12.62 -3.19
C PHE A 230 7.97 -13.19 -3.20
N SER A 231 8.08 -14.47 -3.50
CA SER A 231 9.35 -15.17 -3.54
C SER A 231 10.22 -14.78 -4.71
N SER A 232 11.51 -14.94 -4.50
CA SER A 232 12.53 -14.80 -5.51
C SER A 232 13.57 -15.89 -5.23
N LEU A 233 14.12 -16.50 -6.28
CA LEU A 233 15.16 -17.52 -6.13
C LEU A 233 16.44 -16.77 -5.76
N PRO A 234 17.04 -17.04 -4.59
CA PRO A 234 18.20 -16.24 -4.16
C PRO A 234 19.52 -16.75 -4.72
N LEU A 235 19.64 -16.72 -6.02
CA LEU A 235 20.82 -17.23 -6.69
C LEU A 235 21.90 -16.15 -6.97
N GLY A 236 23.15 -16.59 -7.02
CA GLY A 236 24.29 -15.72 -7.29
C GLY A 236 24.77 -15.82 -8.73
N ARG A 237 25.76 -14.98 -9.07
CA ARG A 237 26.35 -14.82 -10.42
C ARG A 237 26.84 -16.14 -11.03
N GLU A 238 27.52 -16.96 -10.24
CA GLU A 238 28.07 -18.23 -10.65
C GLU A 238 26.94 -19.18 -11.00
N ALA A 239 25.89 -19.24 -10.16
CA ALA A 239 24.75 -20.10 -10.43
C ALA A 239 23.98 -19.63 -11.68
N VAL A 240 23.91 -18.31 -11.93
CA VAL A 240 23.24 -17.79 -13.12
C VAL A 240 24.01 -18.24 -14.37
N GLU A 241 25.32 -17.98 -14.38
CA GLU A 241 26.16 -18.35 -15.52
C GLU A 241 26.13 -19.86 -15.80
N ALA A 242 26.22 -20.68 -14.76
CA ALA A 242 26.17 -22.12 -14.90
C ALA A 242 24.85 -22.60 -15.50
N ALA A 243 23.71 -22.03 -15.07
CA ALA A 243 22.40 -22.42 -15.57
C ALA A 243 22.20 -21.98 -17.00
N VAL A 244 22.71 -20.79 -17.37
CA VAL A 244 22.56 -20.30 -18.74
C VAL A 244 23.38 -21.20 -19.69
N LYS A 245 24.57 -21.63 -19.28
CA LYS A 245 25.39 -22.52 -20.09
C LYS A 245 24.81 -23.93 -20.23
N GLU A 246 24.23 -24.48 -19.15
CA GLU A 246 23.62 -25.82 -19.20
C GLU A 246 22.30 -25.85 -20.00
N ALA A 247 21.62 -24.72 -20.10
CA ALA A 247 20.41 -24.62 -20.90
C ALA A 247 20.69 -24.63 -22.43
N GLY A 248 21.97 -24.55 -22.82
CA GLY A 248 22.37 -24.58 -24.21
C GLY A 248 22.66 -23.20 -24.77
N TYR A 249 23.40 -22.38 -24.02
CA TYR A 249 23.71 -21.02 -24.48
C TYR A 249 25.17 -20.71 -24.30
N THR A 250 25.68 -19.76 -25.09
CA THR A 250 27.05 -19.27 -24.97
C THR A 250 27.00 -17.79 -24.55
N ILE A 251 27.57 -17.44 -23.39
CA ILE A 251 27.49 -16.07 -22.89
C ILE A 251 28.46 -15.12 -23.60
N GLU A 252 27.91 -14.07 -24.23
CA GLU A 252 28.67 -13.04 -24.93
C GLU A 252 29.20 -12.03 -23.92
N TRP A 253 28.35 -11.57 -23.00
N TRP A 253 28.35 -11.61 -22.98
CA TRP A 253 28.77 -10.65 -21.96
CA TRP A 253 28.75 -10.67 -21.94
C TRP A 253 27.87 -10.77 -20.71
C TRP A 253 27.89 -10.86 -20.70
N PHE A 254 28.45 -10.54 -19.54
CA PHE A 254 27.77 -10.66 -18.28
C PHE A 254 28.25 -9.51 -17.42
N GLU A 255 27.32 -8.73 -16.90
CA GLU A 255 27.64 -7.61 -16.03
C GLU A 255 26.92 -7.76 -14.69
N VAL A 256 27.52 -7.25 -13.62
CA VAL A 256 26.94 -7.30 -12.29
C VAL A 256 27.09 -5.90 -11.71
N ILE A 257 26.00 -5.33 -11.18
CA ILE A 257 26.08 -4.07 -10.46
C ILE A 257 25.75 -4.36 -8.98
N SER A 258 26.31 -3.56 -8.07
CA SER A 258 26.12 -3.75 -6.64
C SER A 258 24.87 -3.10 -6.08
N GLN A 259 24.31 -2.11 -6.79
CA GLN A 259 23.10 -1.40 -6.45
C GLN A 259 21.95 -2.34 -6.21
N SER A 260 21.34 -2.24 -5.03
CA SER A 260 20.22 -3.08 -4.64
C SER A 260 18.94 -2.25 -4.42
N TYR A 261 17.79 -2.92 -4.33
CA TYR A 261 16.52 -2.21 -4.12
C TYR A 261 16.48 -1.72 -2.68
N SER A 262 15.59 -0.73 -2.40
CA SER A 262 15.35 -0.17 -1.06
C SER A 262 15.17 -1.31 -0.06
N SER A 263 15.74 -1.20 1.13
CA SER A 263 15.69 -2.26 2.14
C SER A 263 14.29 -2.78 2.43
N THR A 264 13.28 -1.92 2.25
CA THR A 264 11.90 -2.27 2.49
C THR A 264 11.22 -2.96 1.29
N MET A 265 11.91 -3.19 0.18
CA MET A 265 11.29 -3.78 -1.00
C MET A 265 11.94 -5.05 -1.48
N ALA A 266 13.20 -5.30 -1.11
CA ALA A 266 13.93 -6.52 -1.49
C ALA A 266 15.20 -6.68 -0.65
N ASN A 267 15.73 -7.90 -0.56
CA ASN A 267 16.95 -8.20 0.17
C ASN A 267 18.07 -8.56 -0.83
N ASN A 268 18.02 -8.05 -2.06
CA ASN A 268 18.97 -8.45 -3.10
C ASN A 268 20.35 -7.85 -2.90
N GLU A 269 21.33 -8.53 -3.47
CA GLU A 269 22.72 -8.11 -3.45
C GLU A 269 23.09 -7.79 -4.86
N GLY A 270 22.51 -6.73 -5.38
CA GLY A 270 22.79 -6.28 -6.74
C GLY A 270 21.91 -6.89 -7.81
N LEU A 271 22.27 -6.61 -9.09
CA LEU A 271 21.57 -7.11 -10.27
C LEU A 271 22.56 -7.59 -11.33
N PHE A 272 22.06 -8.34 -12.31
CA PHE A 272 22.91 -8.81 -13.41
C PHE A 272 22.25 -8.53 -14.75
N SER A 273 23.07 -8.48 -15.77
CA SER A 273 22.60 -8.37 -17.15
C SER A 273 23.48 -9.29 -17.94
N LEU A 274 22.89 -9.98 -18.90
CA LEU A 274 23.64 -10.85 -19.76
C LEU A 274 23.01 -10.95 -21.13
N VAL A 275 23.88 -11.14 -22.11
CA VAL A 275 23.51 -11.38 -23.47
C VAL A 275 24.18 -12.67 -23.82
N ALA A 276 23.35 -13.68 -24.09
CA ALA A 276 23.80 -15.02 -24.46
C ALA A 276 23.29 -15.37 -25.89
N ARG A 277 23.80 -16.48 -26.48
CA ARG A 277 23.43 -16.90 -27.83
C ARG A 277 23.10 -18.39 -27.80
N LYS A 278 22.00 -18.81 -28.46
CA LYS A 278 21.57 -20.20 -28.47
C LYS A 278 22.61 -21.03 -29.18
N LEU A 279 23.08 -22.09 -28.53
CA LEU A 279 24.19 -22.90 -29.06
C LEU A 279 23.82 -23.83 -30.23
N SER A 280 24.86 -24.53 -30.74
CA SER A 280 24.86 -25.53 -31.80
C SER A 280 23.91 -26.71 -31.54
N ARG A 281 24.18 -27.56 -30.53
CA ARG A 281 23.42 -28.77 -30.20
C ARG A 281 23.48 -29.81 -31.36
N HIS B 10 3.19 20.38 1.12
CA HIS B 10 4.00 21.59 1.23
C HIS B 10 3.13 22.84 1.36
N SER B 11 2.00 22.75 2.09
CA SER B 11 1.10 23.89 2.27
C SER B 11 1.14 24.50 3.68
N SER B 12 1.84 23.87 4.63
CA SER B 12 1.99 24.38 5.99
C SER B 12 0.66 24.45 6.79
N GLY B 13 -0.22 23.48 6.58
CA GLY B 13 -1.48 23.41 7.30
C GLY B 13 -2.67 24.19 6.74
N LEU B 14 -2.40 25.19 5.86
CA LEU B 14 -3.39 26.07 5.20
C LEU B 14 -4.57 25.26 4.66
N VAL B 15 -4.23 24.13 4.05
CA VAL B 15 -5.11 23.20 3.41
C VAL B 15 -4.58 21.76 3.75
N PRO B 16 -5.44 20.72 3.79
CA PRO B 16 -4.94 19.37 4.12
C PRO B 16 -3.81 18.89 3.19
N ARG B 17 -2.98 17.95 3.66
CA ARG B 17 -1.86 17.39 2.91
C ARG B 17 -2.36 16.69 1.65
N GLY B 18 -1.67 16.91 0.54
CA GLY B 18 -2.02 16.34 -0.75
C GLY B 18 -3.34 16.84 -1.33
N SER B 19 -3.80 18.04 -0.93
CA SER B 19 -5.09 18.56 -1.46
C SER B 19 -4.99 19.87 -2.19
N MET B 20 -3.79 20.43 -2.39
CA MET B 20 -3.69 21.75 -3.01
C MET B 20 -4.32 21.82 -4.39
N GLU B 21 -4.03 20.81 -5.22
CA GLU B 21 -4.51 20.82 -6.59
C GLU B 21 -5.97 20.38 -6.73
N SER B 22 -6.35 19.24 -6.12
CA SER B 22 -7.72 18.70 -6.25
C SER B 22 -8.77 19.22 -5.27
N GLY B 23 -8.33 19.65 -4.10
CA GLY B 23 -9.24 20.11 -3.06
C GLY B 23 -9.50 19.05 -1.98
N PHE B 24 -8.99 17.82 -2.20
CA PHE B 24 -9.12 16.72 -1.26
C PHE B 24 -7.84 15.88 -1.24
N THR B 25 -7.41 15.42 -0.06
CA THR B 25 -6.19 14.61 0.13
C THR B 25 -6.12 13.44 -0.85
N SER B 26 -5.02 13.37 -1.58
CA SER B 26 -4.81 12.37 -2.60
C SER B 26 -4.50 11.01 -1.98
N LYS B 27 -4.75 9.90 -2.74
CA LYS B 27 -4.44 8.55 -2.25
C LYS B 27 -2.95 8.40 -1.93
N ASP B 28 -2.04 8.94 -2.80
CA ASP B 28 -0.58 8.86 -2.59
C ASP B 28 -0.20 9.33 -1.18
N THR B 29 -0.86 10.39 -0.68
CA THR B 29 -0.65 10.95 0.66
C THR B 29 -0.85 9.90 1.75
N TYR B 30 -1.75 8.91 1.55
CA TYR B 30 -1.97 7.85 2.52
C TYR B 30 -0.84 6.82 2.58
N LEU B 31 -0.06 6.71 1.52
CA LEU B 31 1.12 5.84 1.51
C LEU B 31 2.31 6.59 2.08
N SER B 32 2.40 7.89 1.87
CA SER B 32 3.52 8.70 2.28
C SER B 32 3.45 9.30 3.68
N HIS B 33 2.33 9.92 4.06
CA HIS B 33 2.26 10.69 5.29
C HIS B 33 1.37 10.15 6.39
N PHE B 34 0.64 9.04 6.17
CA PHE B 34 -0.18 8.47 7.23
C PHE B 34 0.76 7.59 8.09
N ASN B 35 1.07 8.02 9.32
CA ASN B 35 1.93 7.25 10.22
C ASN B 35 1.03 6.40 11.10
N PRO B 36 0.99 5.06 10.93
CA PRO B 36 0.10 4.25 11.76
C PRO B 36 0.37 4.40 13.26
N ARG B 37 1.64 4.44 13.67
CA ARG B 37 2.00 4.59 15.09
C ARG B 37 1.47 5.91 15.66
N ASP B 38 1.67 7.00 14.93
CA ASP B 38 1.21 8.31 15.37
C ASP B 38 -0.31 8.40 15.41
N TYR B 39 -1.01 7.77 14.44
CA TYR B 39 -2.47 7.75 14.42
C TYR B 39 -3.03 6.96 15.62
N LEU B 40 -2.41 5.82 15.96
CA LEU B 40 -2.83 5.00 17.11
C LEU B 40 -2.53 5.73 18.42
N GLU B 41 -1.40 6.42 18.50
CA GLU B 41 -1.02 7.15 19.71
C GLU B 41 -2.00 8.30 19.95
N LYS B 42 -2.40 8.97 18.89
CA LYS B 42 -3.29 10.10 18.94
C LYS B 42 -4.73 9.74 19.25
N TYR B 43 -5.22 8.64 18.69
CA TYR B 43 -6.63 8.29 18.85
C TYR B 43 -6.97 7.06 19.67
N TYR B 44 -6.05 6.12 19.86
CA TYR B 44 -6.41 4.83 20.45
C TYR B 44 -5.68 4.43 21.71
N LYS B 45 -4.99 5.36 22.36
CA LYS B 45 -4.28 5.07 23.61
C LYS B 45 -5.19 4.51 24.71
N PHE B 46 -6.43 5.04 24.81
CA PHE B 46 -7.42 4.58 25.80
C PHE B 46 -6.94 4.65 27.24
N HIS B 50 -10.38 10.78 30.58
CA HIS B 50 -11.65 10.74 29.87
C HIS B 50 -11.64 11.73 28.71
N SER B 51 -10.61 11.68 27.85
CA SER B 51 -10.51 12.54 26.69
C SER B 51 -11.70 12.35 25.74
N ALA B 52 -11.94 13.32 24.84
CA ALA B 52 -13.05 13.20 23.91
C ALA B 52 -12.87 11.99 22.98
N GLU B 53 -11.62 11.58 22.69
CA GLU B 53 -11.27 10.46 21.82
C GLU B 53 -11.59 9.15 22.50
N SER B 54 -11.23 9.03 23.77
CA SER B 54 -11.47 7.87 24.61
C SER B 54 -12.97 7.62 24.74
N GLN B 55 -13.76 8.70 24.96
CA GLN B 55 -15.22 8.64 25.03
C GLN B 55 -15.83 8.18 23.69
N ILE B 56 -15.23 8.60 22.58
CA ILE B 56 -15.69 8.21 21.25
C ILE B 56 -15.42 6.72 21.05
N LEU B 57 -14.22 6.26 21.36
CA LEU B 57 -13.88 4.84 21.27
C LEU B 57 -14.78 3.99 22.18
N LYS B 58 -15.12 4.46 23.39
CA LYS B 58 -16.04 3.74 24.29
C LYS B 58 -17.44 3.61 23.66
N HIS B 59 -17.88 4.64 22.93
CA HIS B 59 -19.18 4.67 22.25
C HIS B 59 -19.13 3.71 21.05
N LEU B 60 -18.03 3.73 20.27
CA LEU B 60 -17.87 2.80 19.13
C LEU B 60 -17.91 1.37 19.62
N LEU B 61 -17.18 1.07 20.72
CA LEU B 61 -17.11 -0.27 21.30
C LEU B 61 -18.48 -0.75 21.78
N LYS B 62 -19.28 0.14 22.37
CA LYS B 62 -20.61 -0.19 22.83
C LYS B 62 -21.58 -0.43 21.64
N ASN B 63 -21.42 0.33 20.57
CA ASN B 63 -22.26 0.16 19.40
C ASN B 63 -21.90 -1.15 18.69
N LEU B 64 -20.61 -1.48 18.60
CA LEU B 64 -20.18 -2.72 17.96
C LEU B 64 -20.63 -3.92 18.79
N PHE B 65 -20.54 -3.80 20.12
CA PHE B 65 -21.02 -4.82 21.05
C PHE B 65 -22.55 -5.06 20.83
N LYS B 66 -23.36 -4.00 20.69
CA LYS B 66 -24.79 -4.15 20.48
C LYS B 66 -25.10 -4.71 19.08
N ILE B 67 -24.44 -4.20 18.04
CA ILE B 67 -24.67 -4.66 16.67
C ILE B 67 -24.42 -6.15 16.51
N PHE B 68 -23.26 -6.63 16.95
CA PHE B 68 -22.84 -8.00 16.75
C PHE B 68 -23.24 -9.01 17.83
N CYS B 69 -23.37 -8.59 19.10
CA CYS B 69 -23.69 -9.52 20.19
C CYS B 69 -25.14 -9.48 20.66
N LEU B 70 -25.86 -8.38 20.43
CA LEU B 70 -27.23 -8.24 20.92
C LEU B 70 -28.24 -8.31 19.78
N ASP B 71 -27.90 -7.67 18.66
CA ASP B 71 -28.72 -7.66 17.46
C ASP B 71 -28.42 -8.93 16.59
N GLY B 72 -28.98 -9.02 15.38
CA GLY B 72 -28.77 -10.19 14.52
C GLY B 72 -27.63 -10.12 13.52
N VAL B 73 -26.54 -9.40 13.87
CA VAL B 73 -25.43 -9.29 12.94
C VAL B 73 -24.40 -10.37 13.22
N LYS B 74 -24.56 -11.50 12.53
CA LYS B 74 -23.78 -12.73 12.66
C LYS B 74 -23.56 -13.33 11.25
N GLY B 75 -22.64 -14.30 11.13
CA GLY B 75 -22.40 -14.95 9.86
C GLY B 75 -21.07 -15.66 9.74
N ASP B 76 -20.71 -16.04 8.53
CA ASP B 76 -19.45 -16.70 8.24
C ASP B 76 -18.31 -15.74 7.91
N LEU B 77 -18.52 -14.75 7.03
CA LEU B 77 -17.46 -13.85 6.62
C LEU B 77 -17.82 -12.38 6.80
N LEU B 78 -16.94 -11.64 7.48
CA LEU B 78 -17.03 -10.21 7.63
C LEU B 78 -15.77 -9.63 7.02
N ILE B 79 -15.91 -8.63 6.15
CA ILE B 79 -14.76 -7.93 5.60
C ILE B 79 -14.74 -6.51 6.22
N ASP B 80 -13.62 -6.11 6.81
CA ASP B 80 -13.45 -4.77 7.35
C ASP B 80 -12.76 -3.97 6.27
N ILE B 81 -13.34 -2.82 5.93
CA ILE B 81 -12.85 -1.93 4.90
C ILE B 81 -12.19 -0.71 5.52
N GLY B 82 -10.93 -0.49 5.19
CA GLY B 82 -10.20 0.65 5.69
C GLY B 82 -9.92 0.49 7.16
N SER B 83 -9.44 -0.70 7.53
CA SER B 83 -9.11 -1.06 8.91
C SER B 83 -8.05 -0.17 9.54
N GLY B 84 -7.25 0.49 8.69
CA GLY B 84 -6.08 1.26 9.07
C GLY B 84 -5.14 0.34 9.82
N PRO B 85 -4.62 0.85 10.94
CA PRO B 85 -3.81 0.00 11.80
C PRO B 85 -4.61 -0.47 13.03
N THR B 86 -5.96 -0.37 13.01
CA THR B 86 -6.76 -0.67 14.21
C THR B 86 -7.46 -2.01 14.20
N ILE B 87 -7.76 -2.55 15.39
CA ILE B 87 -8.47 -3.81 15.54
C ILE B 87 -9.61 -3.75 16.51
N TYR B 88 -9.86 -2.59 17.18
CA TYR B 88 -10.97 -2.41 18.13
C TYR B 88 -12.33 -2.75 17.49
N GLN B 89 -12.50 -2.31 16.22
CA GLN B 89 -13.75 -2.53 15.51
C GLN B 89 -13.99 -4.02 15.20
N LEU B 90 -13.06 -4.94 15.58
CA LEU B 90 -13.16 -6.37 15.31
C LEU B 90 -13.37 -7.26 16.55
N LEU B 91 -13.18 -6.70 17.75
CA LEU B 91 -13.24 -7.48 18.98
C LEU B 91 -14.59 -8.15 19.20
N SER B 92 -15.70 -7.39 19.19
CA SER B 92 -17.02 -8.02 19.36
C SER B 92 -17.41 -8.80 18.09
N ALA B 93 -17.05 -8.29 16.92
CA ALA B 93 -17.35 -8.93 15.65
C ALA B 93 -16.91 -10.39 15.58
N CYS B 94 -15.72 -10.74 16.13
CA CYS B 94 -15.23 -12.13 16.10
C CYS B 94 -16.06 -13.09 16.95
N GLU B 95 -16.96 -12.59 17.78
CA GLU B 95 -17.87 -13.41 18.56
C GLU B 95 -19.06 -13.87 17.68
N SER B 96 -19.33 -13.18 16.55
CA SER B 96 -20.43 -13.45 15.64
C SER B 96 -20.02 -13.91 14.25
N PHE B 97 -18.74 -13.77 13.90
CA PHE B 97 -18.26 -14.17 12.60
C PHE B 97 -17.15 -15.20 12.73
N LYS B 98 -17.20 -16.25 11.91
CA LYS B 98 -16.16 -17.28 11.91
C LYS B 98 -14.88 -16.72 11.29
N GLU B 99 -15.02 -15.91 10.23
CA GLU B 99 -13.87 -15.35 9.54
C GLU B 99 -13.97 -13.87 9.32
N ILE B 100 -12.84 -13.20 9.47
CA ILE B 100 -12.73 -11.76 9.26
C ILE B 100 -11.58 -11.50 8.28
N VAL B 101 -11.80 -10.58 7.35
CA VAL B 101 -10.76 -10.16 6.42
C VAL B 101 -10.53 -8.67 6.67
N VAL B 102 -9.30 -8.24 6.97
CA VAL B 102 -9.01 -6.84 7.21
C VAL B 102 -8.35 -6.25 5.98
N THR B 103 -8.74 -5.04 5.61
CA THR B 103 -8.24 -4.41 4.39
C THR B 103 -7.87 -2.95 4.62
N ASP B 104 -7.00 -2.39 3.76
CA ASP B 104 -6.62 -0.97 3.84
C ASP B 104 -5.84 -0.53 2.62
N TYR B 105 -5.95 0.75 2.24
CA TYR B 105 -5.16 1.27 1.11
C TYR B 105 -3.67 1.40 1.44
N SER B 106 -3.37 1.70 2.69
CA SER B 106 -2.01 1.93 3.13
C SER B 106 -1.24 0.69 3.45
N ASP B 107 -0.05 0.62 2.84
CA ASP B 107 0.88 -0.46 3.04
C ASP B 107 1.40 -0.45 4.45
N GLN B 108 1.76 0.73 4.96
CA GLN B 108 2.25 0.78 6.35
C GLN B 108 1.16 0.44 7.34
N ASN B 109 -0.12 0.67 7.01
CA ASN B 109 -1.22 0.28 7.87
C ASN B 109 -1.32 -1.23 7.97
N LEU B 110 -1.30 -1.94 6.81
CA LEU B 110 -1.34 -3.39 6.72
C LEU B 110 -0.18 -4.01 7.47
N GLN B 111 1.01 -3.38 7.46
CA GLN B 111 2.17 -3.92 8.17
C GLN B 111 1.92 -3.91 9.66
N GLU B 112 1.37 -2.80 10.17
CA GLU B 112 1.02 -2.63 11.58
C GLU B 112 0.03 -3.69 12.05
N LEU B 113 -1.00 -4.00 11.22
CA LEU B 113 -1.99 -5.03 11.55
C LEU B 113 -1.29 -6.39 11.61
N GLU B 114 -0.42 -6.68 10.62
CA GLU B 114 0.29 -7.95 10.58
C GLU B 114 1.19 -8.16 11.80
N LYS B 115 1.79 -7.06 12.34
CA LYS B 115 2.63 -7.13 13.55
C LYS B 115 1.75 -7.58 14.72
N TRP B 116 0.55 -6.98 14.86
CA TRP B 116 -0.35 -7.33 15.94
C TRP B 116 -0.85 -8.76 15.77
N LEU B 117 -1.14 -9.17 14.52
CA LEU B 117 -1.59 -10.54 14.21
C LEU B 117 -0.55 -11.56 14.67
N LYS B 118 0.74 -11.29 14.43
CA LYS B 118 1.84 -12.15 14.87
C LYS B 118 2.17 -12.00 16.36
N ALA B 119 1.53 -11.06 17.08
CA ALA B 119 1.80 -10.73 18.48
C ALA B 119 3.28 -10.37 18.66
N ALA B 120 3.80 -9.55 17.73
CA ALA B 120 5.17 -9.06 17.78
C ALA B 120 5.26 -8.14 19.00
N PRO B 121 6.23 -8.34 19.89
CA PRO B 121 6.32 -7.47 21.08
C PRO B 121 6.39 -5.96 20.73
N ALA B 122 6.74 -5.62 19.49
CA ALA B 122 6.80 -4.21 19.05
C ALA B 122 5.43 -3.63 18.65
N ALA B 123 4.44 -4.49 18.38
CA ALA B 123 3.11 -4.06 17.95
C ALA B 123 2.36 -3.24 19.02
N PHE B 124 1.36 -2.46 18.60
CA PHE B 124 0.58 -1.64 19.49
C PHE B 124 -0.13 -2.49 20.51
N ASP B 125 -0.20 -1.97 21.73
CA ASP B 125 -0.86 -2.62 22.85
C ASP B 125 -2.35 -2.27 22.89
N TRP B 126 -3.19 -3.24 22.55
CA TRP B 126 -4.65 -3.12 22.56
C TRP B 126 -5.29 -3.60 23.88
N SER B 127 -4.47 -4.14 24.84
CA SER B 127 -4.92 -4.65 26.17
C SER B 127 -6.03 -3.83 26.90
N PRO B 128 -5.94 -2.48 27.04
CA PRO B 128 -7.04 -1.75 27.73
C PRO B 128 -8.36 -1.82 26.94
N VAL B 129 -8.30 -1.75 25.59
CA VAL B 129 -9.50 -1.84 24.74
C VAL B 129 -10.09 -3.25 24.82
N VAL B 130 -9.21 -4.27 24.79
CA VAL B 130 -9.57 -5.68 24.85
C VAL B 130 -10.27 -5.97 26.17
N THR B 131 -9.71 -5.47 27.28
CA THR B 131 -10.30 -5.67 28.59
C THR B 131 -11.68 -5.02 28.67
N TYR B 132 -11.83 -3.82 28.07
CA TYR B 132 -13.09 -3.11 28.02
C TYR B 132 -14.13 -3.93 27.25
N VAL B 133 -13.74 -4.51 26.09
CA VAL B 133 -14.67 -5.33 25.31
C VAL B 133 -15.09 -6.58 26.12
N CYS B 134 -14.15 -7.17 26.84
CA CYS B 134 -14.45 -8.32 27.70
C CYS B 134 -15.47 -7.97 28.78
N ASP B 135 -15.31 -6.80 29.46
CA ASP B 135 -16.26 -6.36 30.49
C ASP B 135 -17.63 -6.17 29.89
N LEU B 136 -17.72 -5.62 28.68
CA LEU B 136 -19.01 -5.44 28.00
C LEU B 136 -19.65 -6.80 27.70
N GLU B 137 -18.86 -7.77 27.22
CA GLU B 137 -19.40 -9.06 26.82
C GLU B 137 -19.78 -10.00 27.98
N GLY B 138 -19.61 -9.55 29.22
CA GLY B 138 -20.04 -10.32 30.37
C GLY B 138 -18.96 -11.02 31.15
N ASN B 139 -17.68 -10.69 30.86
CA ASN B 139 -16.50 -11.28 31.50
C ASN B 139 -16.46 -12.80 31.42
N ARG B 140 -16.91 -13.38 30.29
CA ARG B 140 -16.87 -14.83 30.11
C ARG B 140 -15.41 -15.28 30.01
N VAL B 141 -14.57 -14.48 29.33
CA VAL B 141 -13.14 -14.72 29.18
C VAL B 141 -12.38 -13.45 29.56
N LYS B 142 -11.07 -13.55 29.79
CA LYS B 142 -10.25 -12.38 30.07
C LYS B 142 -9.63 -11.87 28.74
N GLY B 143 -8.92 -10.76 28.80
CA GLY B 143 -8.28 -10.15 27.65
C GLY B 143 -7.39 -11.04 26.79
N PRO B 144 -6.40 -11.74 27.38
CA PRO B 144 -5.52 -12.59 26.57
C PRO B 144 -6.25 -13.63 25.72
N GLU B 145 -7.29 -14.27 26.25
CA GLU B 145 -8.06 -15.25 25.49
C GLU B 145 -8.86 -14.59 24.38
N LYS B 146 -9.40 -13.39 24.65
CA LYS B 146 -10.16 -12.63 23.66
C LYS B 146 -9.28 -12.28 22.46
N GLU B 147 -8.06 -11.72 22.68
CA GLU B 147 -7.17 -11.34 21.55
C GLU B 147 -6.84 -12.54 20.68
N GLU B 148 -6.66 -13.72 21.31
CA GLU B 148 -6.32 -14.92 20.55
C GLU B 148 -7.50 -15.38 19.68
N LYS B 149 -8.72 -15.23 20.18
CA LYS B 149 -9.91 -15.55 19.41
C LYS B 149 -10.00 -14.60 18.18
N LEU B 150 -9.68 -13.30 18.36
CA LEU B 150 -9.66 -12.38 17.22
C LEU B 150 -8.54 -12.70 16.25
N ARG B 151 -7.32 -12.93 16.75
CA ARG B 151 -6.19 -13.27 15.91
C ARG B 151 -6.46 -14.49 15.00
N GLN B 152 -7.14 -15.52 15.52
CA GLN B 152 -7.46 -16.70 14.74
C GLN B 152 -8.59 -16.43 13.71
N ALA B 153 -9.48 -15.50 14.01
CA ALA B 153 -10.58 -15.15 13.13
C ALA B 153 -10.10 -14.37 11.91
N VAL B 154 -9.03 -13.57 12.05
CA VAL B 154 -8.53 -12.78 10.91
C VAL B 154 -7.75 -13.66 9.96
N LYS B 155 -8.36 -14.00 8.83
CA LYS B 155 -7.77 -14.92 7.86
C LYS B 155 -6.94 -14.26 6.80
N GLN B 156 -7.27 -13.04 6.41
CA GLN B 156 -6.49 -12.32 5.38
C GLN B 156 -6.31 -10.86 5.76
N VAL B 157 -5.22 -10.24 5.26
CA VAL B 157 -4.87 -8.83 5.44
C VAL B 157 -4.66 -8.39 4.00
N LEU B 158 -5.58 -7.63 3.41
CA LEU B 158 -5.53 -7.31 1.98
C LEU B 158 -5.46 -5.84 1.65
N LYS B 159 -4.96 -5.50 0.45
CA LYS B 159 -4.90 -4.14 -0.05
C LYS B 159 -6.30 -3.76 -0.58
N CYS B 160 -6.79 -2.60 -0.19
CA CYS B 160 -8.14 -2.14 -0.53
C CYS B 160 -8.12 -0.74 -1.15
N ASP B 161 -9.10 -0.45 -1.99
CA ASP B 161 -9.29 0.86 -2.56
C ASP B 161 -10.76 0.96 -2.83
N VAL B 162 -11.48 1.71 -2.00
CA VAL B 162 -12.93 1.81 -2.10
C VAL B 162 -13.43 2.46 -3.37
N THR B 163 -12.56 3.20 -4.10
CA THR B 163 -12.97 3.89 -5.32
C THR B 163 -12.96 2.98 -6.56
N GLN B 164 -12.51 1.73 -6.45
CA GLN B 164 -12.45 0.79 -7.57
C GLN B 164 -13.61 -0.17 -7.56
N SER B 165 -14.18 -0.47 -8.74
CA SER B 165 -15.28 -1.41 -8.89
C SER B 165 -15.08 -2.75 -8.16
N GLN B 166 -13.83 -3.19 -8.08
CA GLN B 166 -13.45 -4.38 -7.32
C GLN B 166 -12.51 -3.84 -6.26
N PRO B 167 -13.04 -3.52 -5.06
CA PRO B 167 -12.20 -2.90 -4.01
C PRO B 167 -10.98 -3.72 -3.59
N LEU B 168 -11.03 -5.04 -3.77
CA LEU B 168 -9.91 -5.90 -3.39
C LEU B 168 -9.11 -6.46 -4.57
N GLY B 169 -9.33 -5.91 -5.77
CA GLY B 169 -8.63 -6.36 -6.97
C GLY B 169 -9.03 -7.76 -7.35
N ALA B 170 -8.07 -8.54 -7.83
CA ALA B 170 -8.32 -9.91 -8.26
C ALA B 170 -8.44 -10.94 -7.12
N VAL B 171 -8.26 -10.52 -5.85
CA VAL B 171 -8.34 -11.48 -4.75
C VAL B 171 -9.71 -12.12 -4.64
N PRO B 172 -9.80 -13.42 -4.92
CA PRO B 172 -11.11 -14.08 -4.82
C PRO B 172 -11.55 -14.27 -3.40
N LEU B 173 -12.80 -13.94 -3.15
CA LEU B 173 -13.39 -14.12 -1.84
C LEU B 173 -14.82 -14.56 -2.02
N PRO B 174 -15.33 -15.43 -1.14
CA PRO B 174 -16.76 -15.75 -1.20
C PRO B 174 -17.57 -14.51 -0.78
N PRO B 175 -18.84 -14.45 -1.20
CA PRO B 175 -19.68 -13.33 -0.77
C PRO B 175 -19.74 -13.21 0.75
N ALA B 176 -19.50 -12.01 1.25
CA ALA B 176 -19.46 -11.77 2.68
C ALA B 176 -20.85 -11.57 3.24
N ASP B 177 -21.00 -11.92 4.50
CA ASP B 177 -22.24 -11.76 5.24
C ASP B 177 -22.35 -10.31 5.79
N CYS B 178 -21.20 -9.66 6.08
CA CYS B 178 -21.14 -8.30 6.57
C CYS B 178 -19.91 -7.58 6.04
N VAL B 179 -20.06 -6.29 5.78
CA VAL B 179 -18.98 -5.42 5.32
C VAL B 179 -18.98 -4.29 6.36
N LEU B 180 -17.90 -4.21 7.15
CA LEU B 180 -17.77 -3.22 8.19
C LEU B 180 -16.79 -2.10 7.75
N SER B 181 -17.10 -0.83 8.01
CA SER B 181 -16.18 0.26 7.68
C SER B 181 -16.25 1.39 8.68
N THR B 182 -15.17 1.58 9.45
CA THR B 182 -15.15 2.61 10.46
C THR B 182 -14.16 3.70 10.15
N LEU B 183 -14.62 4.94 10.14
CA LEU B 183 -13.81 6.14 9.97
C LEU B 183 -12.92 6.05 8.74
N CYS B 184 -13.44 5.51 7.66
CA CYS B 184 -12.68 5.33 6.43
C CYS B 184 -13.33 6.06 5.25
N LEU B 185 -14.63 5.87 5.00
CA LEU B 185 -15.27 6.48 3.82
C LEU B 185 -15.16 7.99 3.77
N ASP B 186 -15.26 8.66 4.95
CA ASP B 186 -15.13 10.11 5.09
C ASP B 186 -13.74 10.56 4.70
N ALA B 187 -12.71 9.73 4.97
CA ALA B 187 -11.31 10.00 4.61
C ALA B 187 -11.03 9.69 3.16
N ALA B 188 -11.67 8.64 2.61
CA ALA B 188 -11.37 8.19 1.25
C ALA B 188 -12.16 8.83 0.10
N CYS B 189 -13.38 9.33 0.34
CA CYS B 189 -14.23 9.83 -0.76
C CYS B 189 -14.23 11.35 -0.88
N PRO B 190 -13.68 11.89 -1.98
CA PRO B 190 -13.62 13.36 -2.13
C PRO B 190 -14.92 14.11 -2.30
N ASP B 191 -15.97 13.42 -2.75
CA ASP B 191 -17.26 14.03 -2.98
C ASP B 191 -18.39 13.03 -2.71
N LEU B 192 -19.64 13.52 -2.73
CA LEU B 192 -20.80 12.66 -2.55
C LEU B 192 -21.00 11.62 -3.71
N PRO B 193 -20.77 11.94 -5.00
CA PRO B 193 -20.86 10.89 -6.04
C PRO B 193 -19.86 9.75 -5.81
N THR B 194 -18.64 10.08 -5.33
CA THR B 194 -17.61 9.06 -5.06
C THR B 194 -18.00 8.21 -3.90
N TYR B 195 -18.57 8.82 -2.84
CA TYR B 195 -19.06 8.18 -1.62
C TYR B 195 -20.10 7.12 -1.97
N CYS B 196 -21.08 7.50 -2.80
CA CYS B 196 -22.14 6.60 -3.25
C CYS B 196 -21.57 5.47 -4.10
N ARG B 197 -20.66 5.79 -5.04
CA ARG B 197 -20.01 4.78 -5.87
C ARG B 197 -19.18 3.79 -5.04
N ALA B 198 -18.50 4.26 -3.97
CA ALA B 198 -17.70 3.44 -3.05
C ALA B 198 -18.60 2.47 -2.28
N LEU B 199 -19.78 2.95 -1.85
CA LEU B 199 -20.75 2.09 -1.18
C LEU B 199 -21.26 1.03 -2.19
N ARG B 200 -21.36 1.37 -3.50
CA ARG B 200 -21.77 0.40 -4.52
C ARG B 200 -20.68 -0.66 -4.64
N ASN B 201 -19.42 -0.22 -4.72
CA ASN B 201 -18.25 -1.11 -4.79
C ASN B 201 -18.18 -2.10 -3.60
N LEU B 202 -18.47 -1.64 -2.38
CA LEU B 202 -18.49 -2.53 -1.21
C LEU B 202 -19.58 -3.56 -1.33
N GLY B 203 -20.73 -3.18 -1.93
CA GLY B 203 -21.84 -4.08 -2.17
C GLY B 203 -21.46 -5.25 -3.05
N SER B 204 -20.48 -5.07 -3.97
CA SER B 204 -19.99 -6.14 -4.84
C SER B 204 -19.32 -7.29 -4.07
N LEU B 205 -18.95 -7.06 -2.80
CA LEU B 205 -18.35 -8.05 -1.93
C LEU B 205 -19.40 -8.73 -1.02
N LEU B 206 -20.63 -8.21 -0.97
CA LEU B 206 -21.68 -8.72 -0.11
C LEU B 206 -22.59 -9.69 -0.80
N LYS B 207 -23.11 -10.66 -0.02
CA LYS B 207 -24.19 -11.58 -0.43
C LYS B 207 -25.44 -10.70 -0.59
N PRO B 208 -26.46 -11.11 -1.39
CA PRO B 208 -27.71 -10.32 -1.41
C PRO B 208 -28.36 -10.42 -0.02
N GLY B 209 -28.76 -9.30 0.53
CA GLY B 209 -29.28 -9.26 1.91
C GLY B 209 -28.18 -9.15 2.95
N GLY B 210 -26.91 -9.00 2.51
CA GLY B 210 -25.77 -8.86 3.40
C GLY B 210 -25.77 -7.55 4.18
N PHE B 211 -25.13 -7.56 5.36
CA PHE B 211 -25.09 -6.37 6.21
C PHE B 211 -23.98 -5.42 5.83
N LEU B 212 -24.28 -4.12 5.91
CA LEU B 212 -23.35 -3.04 5.73
C LEU B 212 -23.37 -2.27 7.05
N VAL B 213 -22.23 -2.26 7.78
CA VAL B 213 -22.14 -1.55 9.04
C VAL B 213 -21.14 -0.41 8.90
N ILE B 214 -21.62 0.85 8.99
CA ILE B 214 -20.74 2.01 8.86
C ILE B 214 -20.78 2.86 10.11
N MET B 215 -19.60 3.33 10.55
CA MET B 215 -19.48 4.30 11.64
C MET B 215 -18.49 5.34 11.20
N ASP B 216 -18.89 6.61 11.20
CA ASP B 216 -18.02 7.71 10.74
C ASP B 216 -18.39 9.07 11.36
N ALA B 217 -17.60 10.10 11.07
CA ALA B 217 -17.85 11.43 11.61
C ALA B 217 -18.85 12.25 10.74
N LEU B 218 -19.60 13.15 11.41
CA LEU B 218 -20.52 14.03 10.71
C LEU B 218 -19.89 15.38 10.56
N LYS B 219 -20.11 16.04 9.41
CA LYS B 219 -19.69 17.40 9.03
C LYS B 219 -18.23 17.75 9.34
N SER B 220 -17.31 16.81 9.07
CA SER B 220 -15.89 17.04 9.28
C SER B 220 -15.23 17.30 7.94
N SER B 221 -14.52 18.40 7.82
CA SER B 221 -13.82 18.73 6.55
C SER B 221 -12.32 18.38 6.63
N TYR B 222 -11.84 17.96 7.79
CA TYR B 222 -10.49 17.51 8.03
C TYR B 222 -10.44 16.68 9.33
N TYR B 223 -9.33 16.01 9.54
CA TYR B 223 -8.93 15.30 10.75
C TYR B 223 -7.41 15.36 10.80
N MET B 224 -6.89 15.39 12.01
CA MET B 224 -5.47 15.55 12.25
C MET B 224 -4.83 14.29 12.79
N ILE B 225 -3.57 14.09 12.40
CA ILE B 225 -2.70 13.09 13.01
C ILE B 225 -1.51 13.95 13.44
N GLY B 226 -1.54 14.39 14.67
CA GLY B 226 -0.57 15.29 15.24
C GLY B 226 -0.66 16.63 14.54
N GLU B 227 0.36 16.95 13.76
CA GLU B 227 0.44 18.17 12.97
C GLU B 227 -0.03 17.96 11.51
N GLN B 228 -0.19 16.72 11.07
CA GLN B 228 -0.57 16.40 9.70
C GLN B 228 -2.07 16.53 9.52
N LYS B 229 -2.51 17.32 8.52
CA LYS B 229 -3.94 17.52 8.25
C LYS B 229 -4.39 16.66 7.05
N PHE B 230 -5.48 15.92 7.22
CA PHE B 230 -6.04 15.10 6.14
C PHE B 230 -7.44 15.54 5.89
N SER B 231 -7.91 15.38 4.66
CA SER B 231 -9.27 15.77 4.33
C SER B 231 -10.30 14.77 4.86
N SER B 232 -11.50 15.26 5.02
CA SER B 232 -12.66 14.48 5.39
C SER B 232 -13.85 15.09 4.64
N LEU B 233 -14.75 14.25 4.16
CA LEU B 233 -15.92 14.69 3.43
C LEU B 233 -16.94 15.15 4.46
N PRO B 234 -17.27 16.46 4.46
CA PRO B 234 -18.21 16.97 5.46
C PRO B 234 -19.68 16.66 5.18
N LEU B 235 -20.06 15.40 5.28
CA LEU B 235 -21.44 14.94 5.09
C LEU B 235 -22.24 15.15 6.34
N GLY B 236 -23.52 15.46 6.18
CA GLY B 236 -24.46 15.49 7.29
C GLY B 236 -25.29 14.20 7.29
N ARG B 237 -26.11 13.99 8.34
CA ARG B 237 -26.92 12.76 8.42
C ARG B 237 -27.82 12.48 7.18
N GLU B 238 -28.43 13.52 6.57
CA GLU B 238 -29.30 13.37 5.42
C GLU B 238 -28.53 12.85 4.21
N ALA B 239 -27.36 13.46 3.92
CA ALA B 239 -26.49 13.05 2.81
C ALA B 239 -26.00 11.63 2.97
N VAL B 240 -25.72 11.21 4.21
CA VAL B 240 -25.28 9.85 4.46
C VAL B 240 -26.45 8.89 4.17
N GLU B 241 -27.64 9.22 4.69
CA GLU B 241 -28.83 8.41 4.52
C GLU B 241 -29.20 8.28 3.05
N ALA B 242 -29.05 9.37 2.30
CA ALA B 242 -29.37 9.45 0.89
C ALA B 242 -28.40 8.64 0.07
N ALA B 243 -27.09 8.73 0.39
CA ALA B 243 -26.09 7.99 -0.36
C ALA B 243 -26.19 6.50 -0.11
N VAL B 244 -26.53 6.09 1.13
CA VAL B 244 -26.63 4.67 1.45
C VAL B 244 -27.78 4.03 0.67
N LYS B 245 -28.93 4.72 0.60
CA LYS B 245 -30.09 4.26 -0.13
C LYS B 245 -29.83 4.21 -1.64
N GLU B 246 -29.14 5.23 -2.18
CA GLU B 246 -28.82 5.27 -3.61
C GLU B 246 -27.84 4.19 -3.99
N ALA B 247 -26.91 3.82 -3.08
CA ALA B 247 -25.96 2.74 -3.36
C ALA B 247 -26.61 1.36 -3.48
N GLY B 248 -27.85 1.22 -3.00
CA GLY B 248 -28.59 -0.01 -3.13
C GLY B 248 -28.79 -0.78 -1.84
N TYR B 249 -29.04 -0.05 -0.75
CA TYR B 249 -29.22 -0.68 0.55
C TYR B 249 -30.47 -0.09 1.23
N THR B 250 -30.97 -0.80 2.24
CA THR B 250 -32.10 -0.38 3.05
C THR B 250 -31.59 -0.24 4.51
N ILE B 251 -31.74 0.96 5.10
CA ILE B 251 -31.24 1.21 6.46
C ILE B 251 -32.16 0.62 7.53
N GLU B 252 -31.62 -0.26 8.38
CA GLU B 252 -32.30 -0.92 9.50
C GLU B 252 -32.31 0.02 10.72
N TRP B 253 -31.17 0.66 10.98
N TRP B 253 -31.16 0.68 10.94
CA TRP B 253 -31.05 1.60 12.07
CA TRP B 253 -30.90 1.51 12.11
C TRP B 253 -29.95 2.61 11.80
C TRP B 253 -29.92 2.62 11.75
N PHE B 254 -30.16 3.84 12.26
CA PHE B 254 -29.27 4.95 12.05
C PHE B 254 -29.23 5.71 13.38
N GLU B 255 -28.01 5.93 13.90
CA GLU B 255 -27.78 6.60 15.15
C GLU B 255 -26.88 7.81 14.97
N VAL B 256 -27.08 8.85 15.78
CA VAL B 256 -26.25 10.04 15.71
C VAL B 256 -25.94 10.43 17.15
N ILE B 257 -24.67 10.61 17.47
CA ILE B 257 -24.26 11.12 18.76
C ILE B 257 -23.70 12.53 18.57
N SER B 258 -23.89 13.42 19.53
CA SER B 258 -23.41 14.79 19.44
C SER B 258 -21.93 14.95 19.80
N GLN B 259 -21.37 13.98 20.55
CA GLN B 259 -19.97 13.95 20.97
C GLN B 259 -19.03 14.09 19.78
N SER B 260 -18.14 15.05 19.86
CA SER B 260 -17.17 15.34 18.80
C SER B 260 -15.74 15.11 19.29
N TYR B 261 -14.80 14.98 18.34
CA TYR B 261 -13.39 14.85 18.70
C TYR B 261 -12.90 16.21 19.27
N SER B 262 -11.77 16.20 19.99
CA SER B 262 -11.22 17.43 20.58
C SER B 262 -10.98 18.49 19.49
N SER B 263 -11.10 19.77 19.85
CA SER B 263 -10.95 20.87 18.90
C SER B 263 -9.69 20.80 18.04
N THR B 264 -8.57 20.30 18.61
CA THR B 264 -7.29 20.17 17.92
C THR B 264 -7.13 18.89 17.05
N MET B 265 -8.16 18.04 16.99
CA MET B 265 -8.08 16.80 16.22
C MET B 265 -8.98 16.89 15.01
N ALA B 266 -10.18 17.49 15.13
CA ALA B 266 -11.13 17.59 14.00
C ALA B 266 -12.23 18.62 14.28
N ASN B 267 -12.94 19.07 13.21
CA ASN B 267 -14.05 20.01 13.29
C ASN B 267 -15.38 19.28 13.07
N ASN B 268 -15.51 18.03 13.58
CA ASN B 268 -16.73 17.28 13.37
C ASN B 268 -17.91 17.73 14.23
N GLU B 269 -19.10 17.45 13.73
CA GLU B 269 -20.31 17.72 14.46
C GLU B 269 -20.93 16.40 14.85
N GLY B 270 -20.25 15.68 15.73
CA GLY B 270 -20.71 14.38 16.19
C GLY B 270 -20.38 13.24 15.24
N LEU B 271 -20.90 12.05 15.52
CA LEU B 271 -20.64 10.87 14.72
C LEU B 271 -21.94 10.14 14.43
N PHE B 272 -21.91 9.28 13.40
CA PHE B 272 -23.04 8.43 13.09
C PHE B 272 -22.60 6.96 13.05
N SER B 273 -23.58 6.07 13.21
CA SER B 273 -23.46 4.63 13.03
C SER B 273 -24.74 4.22 12.33
N LEU B 274 -24.64 3.25 11.44
CA LEU B 274 -25.80 2.69 10.79
C LEU B 274 -25.59 1.24 10.48
N VAL B 275 -26.70 0.50 10.45
CA VAL B 275 -26.71 -0.87 9.97
C VAL B 275 -27.69 -0.90 8.81
N ALA B 276 -27.25 -1.41 7.67
CA ALA B 276 -28.08 -1.48 6.47
C ALA B 276 -28.02 -2.89 5.86
N ARG B 277 -29.00 -3.22 5.01
CA ARG B 277 -29.11 -4.52 4.34
C ARG B 277 -29.04 -4.28 2.84
N LYS B 278 -28.20 -5.03 2.12
CA LYS B 278 -28.05 -4.89 0.67
C LYS B 278 -29.28 -5.41 -0.06
N LEU B 279 -29.63 -4.79 -1.20
CA LEU B 279 -30.82 -5.23 -1.96
C LEU B 279 -30.47 -5.93 -3.29
N SER B 280 -31.48 -6.53 -3.96
CA SER B 280 -31.26 -7.23 -5.25
C SER B 280 -32.17 -6.67 -6.34
N SER C 22 14.95 24.58 -6.30
CA SER C 22 13.59 25.06 -6.10
C SER C 22 12.63 24.51 -7.16
N GLY C 23 13.12 24.36 -8.39
CA GLY C 23 12.32 23.86 -9.50
C GLY C 23 11.55 24.96 -10.19
N PHE C 24 10.93 25.81 -9.37
CA PHE C 24 10.15 26.96 -9.79
C PHE C 24 11.02 28.05 -10.38
N THR C 25 10.43 28.90 -11.22
CA THR C 25 11.09 30.03 -11.87
C THR C 25 11.40 31.15 -10.87
N SER C 26 12.68 31.54 -10.78
CA SER C 26 13.09 32.61 -9.89
C SER C 26 12.65 33.97 -10.45
N LYS C 27 12.45 34.98 -9.57
CA LYS C 27 12.01 36.30 -10.04
C LYS C 27 13.06 36.99 -10.92
N ASP C 28 14.34 36.65 -10.76
CA ASP C 28 15.45 37.15 -11.56
C ASP C 28 15.41 36.58 -13.00
N THR C 29 14.82 35.40 -13.18
CA THR C 29 14.61 34.80 -14.51
C THR C 29 13.57 35.64 -15.30
N TYR C 30 12.71 36.44 -14.62
CA TYR C 30 11.75 37.30 -15.30
C TYR C 30 12.45 38.49 -15.93
N LEU C 31 13.48 39.03 -15.26
CA LEU C 31 14.27 40.17 -15.74
C LEU C 31 15.11 39.78 -16.95
N SER C 32 15.50 38.50 -17.07
CA SER C 32 16.35 38.01 -18.15
C SER C 32 15.66 37.25 -19.28
N HIS C 33 14.61 36.48 -18.98
CA HIS C 33 13.96 35.63 -19.98
C HIS C 33 12.52 35.98 -20.31
N PHE C 34 11.91 36.95 -19.62
CA PHE C 34 10.54 37.35 -19.95
C PHE C 34 10.58 38.56 -20.89
N ASN C 35 10.22 38.36 -22.16
CA ASN C 35 10.18 39.41 -23.18
C ASN C 35 8.79 39.98 -23.19
N PRO C 36 8.60 41.22 -22.73
CA PRO C 36 7.25 41.80 -22.67
C PRO C 36 6.52 41.93 -24.00
N ARG C 37 7.25 42.08 -25.11
CA ARG C 37 6.63 42.20 -26.43
C ARG C 37 6.14 40.83 -26.94
N ASP C 38 6.87 39.76 -26.63
CA ASP C 38 6.48 38.39 -27.00
C ASP C 38 5.25 37.98 -26.19
N TYR C 39 5.22 38.32 -24.91
CA TYR C 39 4.09 38.01 -24.06
C TYR C 39 2.82 38.72 -24.58
N LEU C 40 2.97 39.99 -25.00
CA LEU C 40 1.85 40.77 -25.52
C LEU C 40 1.24 40.19 -26.76
N GLU C 41 2.07 39.87 -27.77
CA GLU C 41 1.67 39.30 -29.06
C GLU C 41 1.10 37.90 -28.94
N LYS C 42 1.50 37.16 -27.92
CA LYS C 42 1.05 35.78 -27.74
C LYS C 42 -0.31 35.65 -27.01
N TYR C 43 -0.60 36.56 -26.07
CA TYR C 43 -1.81 36.47 -25.27
C TYR C 43 -2.83 37.58 -25.48
N TYR C 44 -2.39 38.73 -25.98
CA TYR C 44 -3.23 39.91 -26.04
C TYR C 44 -3.37 40.56 -27.39
N LYS C 45 -3.02 39.85 -28.46
CA LYS C 45 -3.11 40.39 -29.82
C LYS C 45 -4.57 40.64 -30.23
N PHE C 46 -5.50 39.71 -29.91
CA PHE C 46 -6.90 39.88 -30.31
C PHE C 46 -7.81 40.39 -29.13
N GLY C 47 -8.93 39.72 -28.83
CA GLY C 47 -9.83 40.12 -27.76
C GLY C 47 -10.59 41.40 -28.06
N SER C 51 -9.26 31.57 -30.91
CA SER C 51 -8.24 31.04 -29.99
C SER C 51 -8.72 31.03 -28.56
N ALA C 52 -8.17 30.13 -27.74
CA ALA C 52 -8.51 30.06 -26.33
C ALA C 52 -8.09 31.35 -25.61
N GLU C 53 -6.97 31.95 -26.02
CA GLU C 53 -6.42 33.21 -25.51
C GLU C 53 -7.37 34.37 -25.75
N SER C 54 -8.05 34.37 -26.90
CA SER C 54 -9.00 35.42 -27.24
C SER C 54 -10.28 35.31 -26.41
N GLN C 55 -10.71 34.08 -26.11
CA GLN C 55 -11.90 33.82 -25.30
C GLN C 55 -11.67 34.22 -23.85
N ILE C 56 -10.48 33.88 -23.33
CA ILE C 56 -10.10 34.21 -21.96
C ILE C 56 -10.02 35.70 -21.80
N LEU C 57 -9.37 36.40 -22.75
CA LEU C 57 -9.28 37.85 -22.71
C LEU C 57 -10.69 38.50 -22.66
N LYS C 58 -11.63 38.02 -23.50
CA LYS C 58 -13.02 38.50 -23.53
C LYS C 58 -13.69 38.32 -22.18
N HIS C 59 -13.54 37.12 -21.59
CA HIS C 59 -14.08 36.77 -20.30
C HIS C 59 -13.50 37.66 -19.18
N LEU C 60 -12.16 37.88 -19.20
CA LEU C 60 -11.46 38.73 -18.25
C LEU C 60 -12.02 40.14 -18.33
N LEU C 61 -12.10 40.73 -19.56
CA LEU C 61 -12.63 42.07 -19.73
C LEU C 61 -14.07 42.20 -19.25
N LYS C 62 -14.92 41.19 -19.51
CA LYS C 62 -16.31 41.24 -19.06
C LYS C 62 -16.40 41.24 -17.54
N ASN C 63 -15.54 40.47 -16.88
CA ASN C 63 -15.49 40.35 -15.43
C ASN C 63 -14.95 41.63 -14.79
N LEU C 64 -14.01 42.32 -15.46
CA LEU C 64 -13.46 43.60 -15.02
C LEU C 64 -14.54 44.70 -15.16
N PHE C 65 -15.27 44.69 -16.29
CA PHE C 65 -16.36 45.64 -16.52
C PHE C 65 -17.45 45.41 -15.46
N LYS C 66 -17.77 44.14 -15.17
CA LYS C 66 -18.77 43.84 -14.16
C LYS C 66 -18.33 44.32 -12.79
N ILE C 67 -17.10 43.97 -12.34
CA ILE C 67 -16.62 44.34 -11.00
C ILE C 67 -16.55 45.86 -10.80
N PHE C 68 -15.92 46.58 -11.73
CA PHE C 68 -15.73 48.03 -11.58
C PHE C 68 -16.91 48.90 -12.01
N CYS C 69 -17.70 48.50 -13.04
CA CYS C 69 -18.83 49.33 -13.51
C CYS C 69 -20.21 48.84 -13.06
N LEU C 70 -20.45 47.52 -12.97
CA LEU C 70 -21.76 47.02 -12.56
C LEU C 70 -21.87 46.95 -11.04
N ASP C 71 -20.84 46.40 -10.39
CA ASP C 71 -20.80 46.28 -8.94
C ASP C 71 -20.20 47.60 -8.31
N GLY C 72 -20.07 47.65 -7.00
CA GLY C 72 -19.61 48.86 -6.32
C GLY C 72 -18.14 48.98 -5.98
N VAL C 73 -17.25 48.51 -6.88
CA VAL C 73 -15.80 48.63 -6.62
C VAL C 73 -15.31 49.97 -7.17
N LYS C 74 -15.44 51.01 -6.34
CA LYS C 74 -15.07 52.39 -6.65
C LYS C 74 -14.23 53.00 -5.52
N GLY C 75 -13.49 54.07 -5.82
CA GLY C 75 -12.68 54.72 -4.81
C GLY C 75 -11.66 55.70 -5.34
N ASP C 76 -10.80 56.17 -4.45
CA ASP C 76 -9.79 57.14 -4.77
C ASP C 76 -8.56 56.54 -5.39
N LEU C 77 -8.01 55.48 -4.79
CA LEU C 77 -6.79 54.87 -5.31
C LEU C 77 -6.88 53.36 -5.47
N LEU C 78 -6.49 52.88 -6.67
CA LEU C 78 -6.38 51.47 -7.00
C LEU C 78 -4.92 51.19 -7.33
N ILE C 79 -4.34 50.13 -6.74
CA ILE C 79 -2.98 49.71 -7.07
C ILE C 79 -3.04 48.41 -7.88
N ASP C 80 -2.44 48.41 -9.07
CA ASP C 80 -2.39 47.21 -9.89
C ASP C 80 -1.07 46.49 -9.59
N ILE C 81 -1.18 45.23 -9.21
CA ILE C 81 -0.04 44.43 -8.84
C ILE C 81 0.32 43.41 -9.91
N GLY C 82 1.58 43.47 -10.32
CA GLY C 82 2.13 42.59 -11.33
C GLY C 82 1.54 42.88 -12.69
N SER C 83 1.40 44.20 -13.00
CA SER C 83 0.86 44.75 -14.25
C SER C 83 1.46 44.19 -15.53
N GLY C 84 2.77 43.91 -15.48
CA GLY C 84 3.55 43.43 -16.63
C GLY C 84 3.56 44.47 -17.71
N PRO C 85 3.43 44.03 -18.98
CA PRO C 85 3.37 45.00 -20.09
C PRO C 85 1.93 45.28 -20.56
N THR C 86 0.91 44.89 -19.76
CA THR C 86 -0.50 45.02 -20.16
C THR C 86 -1.27 46.14 -19.45
N ILE C 87 -2.29 46.67 -20.15
CA ILE C 87 -3.18 47.69 -19.61
C ILE C 87 -4.67 47.24 -19.68
N TYR C 88 -4.98 46.06 -20.27
CA TYR C 88 -6.36 45.59 -20.45
C TYR C 88 -7.12 45.56 -19.10
N GLN C 89 -6.40 45.19 -18.02
CA GLN C 89 -6.97 45.10 -16.67
C GLN C 89 -7.32 46.43 -16.05
N LEU C 90 -6.98 47.56 -16.70
CA LEU C 90 -7.27 48.89 -16.15
C LEU C 90 -8.27 49.72 -16.99
N LEU C 91 -8.72 49.19 -18.11
CA LEU C 91 -9.64 49.91 -18.98
C LEU C 91 -10.99 50.23 -18.29
N SER C 92 -11.55 49.30 -17.49
CA SER C 92 -12.78 49.57 -16.77
C SER C 92 -12.53 50.23 -15.43
N ALA C 93 -11.43 49.84 -14.73
CA ALA C 93 -11.03 50.38 -13.43
C ALA C 93 -10.83 51.89 -13.45
N CYS C 94 -10.33 52.44 -14.56
CA CYS C 94 -10.15 53.89 -14.67
C CYS C 94 -11.49 54.66 -14.60
N GLU C 95 -12.62 53.99 -14.91
CA GLU C 95 -13.94 54.62 -14.77
C GLU C 95 -14.37 54.72 -13.31
N SER C 96 -13.84 53.89 -12.41
CA SER C 96 -14.28 53.88 -11.02
C SER C 96 -13.25 54.37 -9.99
N PHE C 97 -12.01 54.54 -10.39
CA PHE C 97 -10.98 55.01 -9.48
C PHE C 97 -10.36 56.30 -9.98
N LYS C 98 -10.19 57.28 -9.07
CA LYS C 98 -9.59 58.55 -9.46
C LYS C 98 -8.12 58.39 -9.81
N GLU C 99 -7.38 57.58 -9.05
CA GLU C 99 -5.94 57.35 -9.25
C GLU C 99 -5.59 55.87 -9.38
N ILE C 100 -4.63 55.56 -10.25
CA ILE C 100 -4.15 54.21 -10.43
C ILE C 100 -2.62 54.18 -10.34
N VAL C 101 -2.07 53.22 -9.59
CA VAL C 101 -0.63 53.02 -9.52
C VAL C 101 -0.35 51.67 -10.20
N VAL C 102 0.56 51.61 -11.17
CA VAL C 102 0.90 50.35 -11.84
C VAL C 102 2.23 49.83 -11.28
N THR C 103 2.31 48.52 -10.96
CA THR C 103 3.51 47.94 -10.37
C THR C 103 3.89 46.59 -10.98
N ASP C 104 5.18 46.28 -10.94
CA ASP C 104 5.73 45.02 -11.44
C ASP C 104 7.13 44.80 -10.91
N TYR C 105 7.62 43.56 -10.98
CA TYR C 105 8.99 43.27 -10.56
C TYR C 105 9.98 43.66 -11.68
N SER C 106 9.59 43.44 -12.93
CA SER C 106 10.45 43.71 -14.07
C SER C 106 10.35 45.13 -14.54
N ASP C 107 11.50 45.82 -14.54
CA ASP C 107 11.59 47.18 -15.07
C ASP C 107 11.37 47.20 -16.57
N GLN C 108 11.81 46.15 -17.28
CA GLN C 108 11.61 46.06 -18.71
C GLN C 108 10.10 45.90 -19.07
N ASN C 109 9.29 45.29 -18.20
CA ASN C 109 7.85 45.14 -18.45
C ASN C 109 7.16 46.48 -18.28
N LEU C 110 7.52 47.20 -17.21
CA LEU C 110 6.96 48.51 -16.94
C LEU C 110 7.38 49.52 -18.01
N GLN C 111 8.54 49.32 -18.67
CA GLN C 111 9.01 50.15 -19.79
C GLN C 111 8.07 49.97 -20.99
N GLU C 112 7.65 48.72 -21.24
CA GLU C 112 6.73 48.39 -22.32
C GLU C 112 5.35 49.01 -22.03
N LEU C 113 4.92 48.99 -20.75
CA LEU C 113 3.65 49.61 -20.33
C LEU C 113 3.74 51.14 -20.54
N GLU C 114 4.88 51.73 -20.18
CA GLU C 114 5.20 53.14 -20.32
C GLU C 114 5.19 53.58 -21.79
N LYS C 115 5.49 52.68 -22.73
CA LYS C 115 5.40 53.00 -24.16
C LYS C 115 3.93 53.30 -24.53
N TRP C 116 2.99 52.54 -23.95
CA TRP C 116 1.57 52.80 -24.19
C TRP C 116 1.06 54.00 -23.40
N LEU C 117 1.55 54.23 -22.16
CA LEU C 117 1.12 55.39 -21.38
C LEU C 117 1.58 56.70 -22.04
N LYS C 118 2.80 56.69 -22.57
CA LYS C 118 3.37 57.87 -23.21
C LYS C 118 2.97 58.00 -24.70
N ALA C 119 2.17 57.04 -25.24
CA ALA C 119 1.71 56.95 -26.64
C ALA C 119 2.88 56.96 -27.61
N ALA C 120 3.97 56.28 -27.24
CA ALA C 120 5.17 56.16 -28.04
C ALA C 120 4.93 55.31 -29.30
N PRO C 121 5.80 55.43 -30.32
CA PRO C 121 5.56 54.67 -31.56
C PRO C 121 5.79 53.16 -31.43
N ALA C 122 6.55 52.73 -30.42
CA ALA C 122 6.78 51.32 -30.18
C ALA C 122 5.69 50.66 -29.28
N ALA C 123 4.64 51.41 -28.90
CA ALA C 123 3.55 50.93 -28.05
C ALA C 123 2.80 49.78 -28.66
N PHE C 124 2.25 48.92 -27.80
CA PHE C 124 1.45 47.80 -28.25
C PHE C 124 0.08 48.32 -28.71
N ASP C 125 -0.49 47.65 -29.71
CA ASP C 125 -1.79 48.02 -30.22
C ASP C 125 -2.88 47.34 -29.39
N TRP C 126 -3.45 48.11 -28.46
CA TRP C 126 -4.56 47.67 -27.63
C TRP C 126 -5.92 48.09 -28.20
N SER C 127 -5.98 48.66 -29.42
CA SER C 127 -7.23 49.13 -30.04
C SER C 127 -8.39 48.13 -30.06
N PRO C 128 -8.26 46.85 -30.47
CA PRO C 128 -9.44 45.97 -30.47
C PRO C 128 -9.94 45.66 -29.06
N VAL C 129 -9.03 45.68 -28.05
CA VAL C 129 -9.36 45.49 -26.64
C VAL C 129 -10.09 46.74 -26.14
N VAL C 130 -9.57 47.93 -26.47
CA VAL C 130 -10.20 49.21 -26.08
C VAL C 130 -11.60 49.32 -26.66
N THR C 131 -11.76 48.96 -27.95
CA THR C 131 -13.05 48.97 -28.62
C THR C 131 -14.05 48.06 -27.91
N TYR C 132 -13.61 46.81 -27.57
CA TYR C 132 -14.42 45.82 -26.85
C TYR C 132 -14.91 46.34 -25.51
N VAL C 133 -14.05 47.00 -24.75
CA VAL C 133 -14.43 47.59 -23.46
C VAL C 133 -15.38 48.76 -23.66
N CYS C 134 -15.15 49.56 -24.71
CA CYS C 134 -16.03 50.68 -25.03
C CYS C 134 -17.42 50.17 -25.42
N ASP C 135 -17.51 49.01 -26.10
CA ASP C 135 -18.79 48.40 -26.49
C ASP C 135 -19.47 47.85 -25.23
N LEU C 136 -18.69 47.20 -24.33
CA LEU C 136 -19.22 46.68 -23.06
C LEU C 136 -19.82 47.81 -22.22
N GLU C 137 -19.24 49.01 -22.30
CA GLU C 137 -19.75 50.15 -21.53
C GLU C 137 -20.84 50.97 -22.26
N GLY C 138 -21.42 50.41 -23.31
CA GLY C 138 -22.51 51.00 -24.07
C GLY C 138 -22.14 52.02 -25.12
N ASN C 139 -20.86 52.10 -25.47
CA ASN C 139 -20.35 53.05 -26.46
C ASN C 139 -20.65 54.50 -26.10
N ARG C 140 -20.65 54.82 -24.79
CA ARG C 140 -20.85 56.20 -24.33
C ARG C 140 -19.68 57.08 -24.78
N VAL C 141 -18.45 56.51 -24.83
CA VAL C 141 -17.22 57.15 -25.28
C VAL C 141 -16.59 56.32 -26.46
N LYS C 142 -15.62 56.92 -27.16
CA LYS C 142 -14.91 56.22 -28.21
C LYS C 142 -13.47 55.89 -27.74
N GLY C 143 -12.78 55.05 -28.51
CA GLY C 143 -11.42 54.59 -28.23
C GLY C 143 -10.46 55.65 -27.70
N PRO C 144 -10.23 56.73 -28.47
CA PRO C 144 -9.29 57.77 -28.01
C PRO C 144 -9.62 58.42 -26.67
N GLU C 145 -10.91 58.59 -26.38
CA GLU C 145 -11.36 59.18 -25.13
C GLU C 145 -11.17 58.17 -23.95
N LYS C 146 -11.30 56.86 -24.23
CA LYS C 146 -11.10 55.84 -23.22
C LYS C 146 -9.62 55.83 -22.84
N GLU C 147 -8.74 55.80 -23.86
CA GLU C 147 -7.30 55.83 -23.69
C GLU C 147 -6.86 57.06 -22.89
N GLU C 148 -7.41 58.23 -23.21
CA GLU C 148 -7.09 59.44 -22.46
C GLU C 148 -7.48 59.33 -20.99
N LYS C 149 -8.64 58.73 -20.69
CA LYS C 149 -9.07 58.56 -19.31
C LYS C 149 -8.12 57.61 -18.53
N LEU C 150 -7.59 56.57 -19.19
CA LEU C 150 -6.64 55.67 -18.55
C LEU C 150 -5.28 56.34 -18.34
N ARG C 151 -4.68 56.92 -19.41
CA ARG C 151 -3.37 57.58 -19.27
C ARG C 151 -3.39 58.67 -18.19
N GLN C 152 -4.53 59.34 -18.02
CA GLN C 152 -4.69 60.38 -17.00
C GLN C 152 -4.80 59.82 -15.57
N ALA C 153 -5.36 58.62 -15.42
CA ALA C 153 -5.52 57.98 -14.11
C ALA C 153 -4.20 57.39 -13.56
N VAL C 154 -3.36 56.76 -14.42
CA VAL C 154 -2.10 56.19 -13.99
C VAL C 154 -1.13 57.27 -13.47
N LYS C 155 -1.09 57.42 -12.14
CA LYS C 155 -0.32 58.42 -11.39
C LYS C 155 1.13 58.03 -11.07
N GLN C 156 1.45 56.74 -10.87
CA GLN C 156 2.83 56.30 -10.60
C GLN C 156 3.13 54.95 -11.28
N VAL C 157 4.41 54.66 -11.52
CA VAL C 157 4.87 53.38 -12.08
C VAL C 157 5.95 52.88 -11.11
N LEU C 158 5.64 51.91 -10.23
CA LEU C 158 6.62 51.45 -9.24
C LEU C 158 7.08 50.00 -9.35
N LYS C 159 8.28 49.74 -8.85
CA LYS C 159 8.86 48.43 -8.69
C LYS C 159 8.06 47.76 -7.55
N CYS C 160 7.85 46.47 -7.68
CA CYS C 160 7.04 45.71 -6.76
C CYS C 160 7.61 44.30 -6.62
N ASP C 161 7.39 43.66 -5.46
CA ASP C 161 7.75 42.27 -5.23
C ASP C 161 6.75 41.78 -4.19
N VAL C 162 5.78 40.99 -4.61
CA VAL C 162 4.69 40.53 -3.74
C VAL C 162 5.13 39.65 -2.56
N THR C 163 6.34 39.10 -2.61
CA THR C 163 6.86 38.27 -1.56
C THR C 163 7.50 39.11 -0.40
N GLN C 164 7.64 40.43 -0.56
CA GLN C 164 8.21 41.26 0.51
C GLN C 164 7.13 41.84 1.39
N SER C 165 7.38 41.90 2.70
CA SER C 165 6.45 42.46 3.69
C SER C 165 5.97 43.87 3.30
N GLN C 166 6.84 44.62 2.61
CA GLN C 166 6.62 45.93 2.00
C GLN C 166 6.80 45.67 0.51
N PRO C 167 5.73 45.29 -0.20
CA PRO C 167 5.89 44.95 -1.63
C PRO C 167 6.45 46.08 -2.49
N LEU C 168 6.22 47.33 -2.08
CA LEU C 168 6.73 48.48 -2.82
C LEU C 168 7.98 49.13 -2.21
N GLY C 169 8.52 48.54 -1.16
CA GLY C 169 9.72 49.00 -0.48
C GLY C 169 9.60 50.33 0.21
N ALA C 170 10.48 51.28 -0.18
CA ALA C 170 10.53 52.61 0.42
C ALA C 170 9.31 53.47 0.10
N VAL C 171 8.90 53.48 -1.20
CA VAL C 171 7.79 54.26 -1.76
C VAL C 171 6.59 54.44 -0.81
N PRO C 172 6.35 55.70 -0.41
CA PRO C 172 5.24 55.95 0.52
C PRO C 172 3.95 56.25 -0.22
N LEU C 173 2.98 55.36 -0.07
CA LEU C 173 1.69 55.53 -0.71
C LEU C 173 0.61 55.65 0.34
N PRO C 174 -0.43 56.45 0.05
CA PRO C 174 -1.58 56.47 0.97
C PRO C 174 -2.31 55.10 0.88
N PRO C 175 -3.03 54.70 1.94
CA PRO C 175 -3.73 53.40 1.87
C PRO C 175 -4.69 53.35 0.67
N ALA C 176 -4.68 52.25 -0.08
CA ALA C 176 -5.49 52.14 -1.28
C ALA C 176 -6.87 51.53 -1.04
N ASP C 177 -7.83 51.85 -1.89
CA ASP C 177 -9.18 51.33 -1.79
C ASP C 177 -9.31 49.98 -2.51
N CYS C 178 -8.45 49.71 -3.47
CA CYS C 178 -8.48 48.49 -4.21
C CYS C 178 -7.09 48.08 -4.62
N VAL C 179 -6.84 46.79 -4.51
CA VAL C 179 -5.62 46.20 -4.96
C VAL C 179 -6.08 45.17 -5.99
N LEU C 180 -5.58 45.28 -7.21
CA LEU C 180 -5.95 44.38 -8.29
C LEU C 180 -4.73 43.56 -8.72
N SER C 181 -4.88 42.27 -9.01
CA SER C 181 -3.75 41.47 -9.49
C SER C 181 -4.24 40.40 -10.42
N THR C 182 -3.92 40.53 -11.68
CA THR C 182 -4.37 39.57 -12.68
C THR C 182 -3.18 38.79 -13.19
N LEU C 183 -3.29 37.48 -13.21
CA LEU C 183 -2.31 36.53 -13.70
C LEU C 183 -0.86 36.76 -13.21
N CYS C 184 -0.70 37.24 -11.97
CA CYS C 184 0.60 37.49 -11.34
C CYS C 184 0.90 36.47 -10.21
N LEU C 185 0.05 36.42 -9.19
CA LEU C 185 0.24 35.57 -8.02
C LEU C 185 0.52 34.10 -8.32
N ASP C 186 -0.11 33.50 -9.34
CA ASP C 186 0.18 32.08 -9.65
C ASP C 186 1.61 31.88 -10.14
N ALA C 187 2.13 32.86 -10.88
CA ALA C 187 3.49 32.83 -11.39
C ALA C 187 4.57 33.24 -10.35
N ALA C 188 4.23 34.16 -9.43
CA ALA C 188 5.18 34.69 -8.47
C ALA C 188 5.43 33.83 -7.24
N CYS C 189 4.46 32.99 -6.91
CA CYS C 189 4.47 32.16 -5.70
C CYS C 189 4.75 30.67 -5.98
N PRO C 190 5.92 30.17 -5.55
CA PRO C 190 6.29 28.76 -5.82
C PRO C 190 5.55 27.70 -5.01
N ASP C 191 4.91 28.11 -3.92
CA ASP C 191 4.12 27.20 -3.07
C ASP C 191 2.95 27.95 -2.42
N LEU C 192 2.02 27.21 -1.80
CA LEU C 192 0.83 27.77 -1.18
C LEU C 192 1.20 28.73 0.02
N PRO C 193 2.17 28.43 0.92
CA PRO C 193 2.52 29.41 1.97
C PRO C 193 2.99 30.74 1.41
N THR C 194 3.81 30.73 0.32
CA THR C 194 4.25 31.99 -0.32
C THR C 194 3.03 32.72 -0.89
N TYR C 195 2.04 31.99 -1.42
CA TYR C 195 0.81 32.58 -1.95
C TYR C 195 0.08 33.37 -0.88
N CYS C 196 -0.06 32.78 0.32
CA CYS C 196 -0.75 33.35 1.45
C CYS C 196 -0.01 34.55 1.99
N ARG C 197 1.34 34.50 2.01
CA ARG C 197 2.17 35.60 2.47
C ARG C 197 2.05 36.78 1.51
N ALA C 198 2.07 36.52 0.21
CA ALA C 198 1.92 37.52 -0.86
C ALA C 198 0.60 38.29 -0.69
N LEU C 199 -0.47 37.58 -0.32
CA LEU C 199 -1.80 38.13 -0.12
C LEU C 199 -1.83 39.06 1.09
N ARG C 200 -1.19 38.64 2.19
CA ARG C 200 -1.09 39.47 3.39
C ARG C 200 -0.21 40.70 3.14
N ASN C 201 0.82 40.58 2.26
CA ASN C 201 1.74 41.65 1.91
C ASN C 201 1.00 42.72 1.09
N LEU C 202 0.11 42.28 0.18
CA LEU C 202 -0.72 43.21 -0.61
C LEU C 202 -1.73 43.97 0.25
N GLY C 203 -2.20 43.34 1.33
CA GLY C 203 -3.14 43.92 2.28
C GLY C 203 -2.55 45.05 3.09
N SER C 204 -1.21 45.07 3.23
CA SER C 204 -0.54 46.17 3.92
C SER C 204 -0.73 47.48 3.11
N LEU C 205 -0.91 47.37 1.77
CA LEU C 205 -1.17 48.51 0.90
C LEU C 205 -2.65 48.97 0.98
N LEU C 206 -3.57 48.09 1.45
CA LEU C 206 -5.01 48.33 1.55
C LEU C 206 -5.46 48.94 2.87
N LYS C 207 -6.53 49.76 2.83
CA LYS C 207 -7.14 50.28 4.04
C LYS C 207 -8.05 49.16 4.57
N PRO C 208 -8.42 49.13 5.87
CA PRO C 208 -9.38 48.12 6.33
C PRO C 208 -10.70 48.28 5.58
N GLY C 209 -11.20 47.18 5.06
CA GLY C 209 -12.41 47.19 4.27
C GLY C 209 -12.20 47.45 2.78
N GLY C 210 -10.95 47.64 2.38
CA GLY C 210 -10.63 47.86 0.98
C GLY C 210 -10.76 46.57 0.17
N PHE C 211 -10.92 46.71 -1.14
CA PHE C 211 -11.11 45.55 -2.02
C PHE C 211 -9.83 44.90 -2.52
N LEU C 212 -9.88 43.59 -2.69
CA LEU C 212 -8.81 42.82 -3.30
C LEU C 212 -9.49 42.09 -4.49
N VAL C 213 -8.98 42.28 -5.71
CA VAL C 213 -9.54 41.67 -6.91
C VAL C 213 -8.43 40.85 -7.59
N ILE C 214 -8.60 39.54 -7.61
CA ILE C 214 -7.64 38.64 -8.24
C ILE C 214 -8.33 37.90 -9.36
N MET C 215 -7.63 37.68 -10.45
CA MET C 215 -8.05 36.85 -11.57
C MET C 215 -6.80 36.07 -11.92
N ASP C 216 -6.88 34.74 -11.92
CA ASP C 216 -5.70 33.93 -12.22
C ASP C 216 -6.07 32.52 -12.71
N ALA C 217 -5.06 31.75 -13.13
CA ALA C 217 -5.26 30.39 -13.59
C ALA C 217 -5.47 29.40 -12.44
N LEU C 218 -6.15 28.29 -12.74
CA LEU C 218 -6.34 27.24 -11.75
C LEU C 218 -5.69 25.98 -12.31
N LYS C 219 -4.96 25.26 -11.45
CA LYS C 219 -4.34 23.98 -11.72
C LYS C 219 -3.27 24.01 -12.80
N SER C 220 -2.61 25.14 -12.98
CA SER C 220 -1.58 25.31 -13.99
C SER C 220 -0.18 25.24 -13.37
N SER C 221 0.69 24.37 -13.89
CA SER C 221 2.09 24.27 -13.43
C SER C 221 3.07 25.03 -14.34
N TYR C 222 2.58 25.56 -15.48
CA TYR C 222 3.41 26.33 -16.37
C TYR C 222 2.58 27.19 -17.32
N TYR C 223 3.25 28.16 -17.92
CA TYR C 223 2.74 28.95 -19.00
C TYR C 223 3.91 29.25 -19.95
N MET C 224 3.64 29.26 -21.26
CA MET C 224 4.66 29.40 -22.28
C MET C 224 4.62 30.75 -22.91
N ILE C 225 5.79 31.26 -23.31
CA ILE C 225 5.95 32.45 -24.12
C ILE C 225 6.93 32.00 -25.20
N GLY C 226 6.40 31.45 -26.29
CA GLY C 226 7.24 30.87 -27.32
C GLY C 226 7.71 29.55 -26.79
N GLU C 227 9.03 29.33 -26.76
CA GLU C 227 9.57 28.11 -26.16
C GLU C 227 10.09 28.32 -24.70
N GLN C 228 10.01 29.57 -24.19
CA GLN C 228 10.39 29.96 -22.84
C GLN C 228 9.30 29.52 -21.83
N LYS C 229 9.57 28.44 -21.05
CA LYS C 229 8.61 27.89 -20.09
C LYS C 229 8.72 28.53 -18.71
N PHE C 230 7.65 29.18 -18.26
CA PHE C 230 7.59 29.86 -16.96
C PHE C 230 6.71 29.08 -16.01
N SER C 231 7.14 28.99 -14.76
CA SER C 231 6.40 28.24 -13.76
C SER C 231 5.11 28.94 -13.34
N SER C 232 4.22 28.16 -12.76
CA SER C 232 2.94 28.55 -12.22
C SER C 232 2.61 27.57 -11.07
N LEU C 233 1.93 28.07 -10.04
CA LEU C 233 1.51 27.30 -8.88
C LEU C 233 0.20 26.62 -9.23
N PRO C 234 0.17 25.27 -9.22
CA PRO C 234 -1.05 24.56 -9.65
C PRO C 234 -2.16 24.45 -8.62
N LEU C 235 -2.67 25.59 -8.16
CA LEU C 235 -3.74 25.71 -7.16
C LEU C 235 -5.10 25.39 -7.66
N GLY C 236 -5.87 24.74 -6.82
CA GLY C 236 -7.31 24.57 -7.03
C GLY C 236 -8.08 25.64 -6.26
N ARG C 237 -9.38 25.80 -6.54
CA ARG C 237 -10.21 26.85 -5.92
C ARG C 237 -10.26 26.84 -4.39
N GLU C 238 -10.18 25.66 -3.78
CA GLU C 238 -10.20 25.53 -2.32
C GLU C 238 -8.90 26.07 -1.72
N ALA C 239 -7.77 25.83 -2.37
CA ALA C 239 -6.47 26.34 -1.89
C ALA C 239 -6.47 27.86 -1.97
N VAL C 240 -7.03 28.43 -3.06
CA VAL C 240 -7.11 29.88 -3.27
C VAL C 240 -7.90 30.52 -2.11
N GLU C 241 -9.08 29.96 -1.84
CA GLU C 241 -9.99 30.40 -0.80
C GLU C 241 -9.37 30.32 0.59
N ALA C 242 -8.71 29.20 0.93
CA ALA C 242 -8.04 29.08 2.23
C ALA C 242 -6.89 30.10 2.35
N ALA C 243 -6.14 30.30 1.25
CA ALA C 243 -5.06 31.28 1.25
C ALA C 243 -5.61 32.69 1.48
N VAL C 244 -6.74 33.03 0.84
CA VAL C 244 -7.33 34.37 0.99
C VAL C 244 -7.87 34.60 2.43
N LYS C 245 -8.57 33.59 3.02
CA LYS C 245 -9.10 33.69 4.39
C LYS C 245 -7.96 33.77 5.42
N GLU C 246 -6.92 32.93 5.28
CA GLU C 246 -5.79 33.00 6.22
C GLU C 246 -5.05 34.35 6.14
N ALA C 247 -5.00 34.96 4.95
CA ALA C 247 -4.32 36.25 4.79
C ALA C 247 -5.04 37.46 5.40
N GLY C 248 -6.23 37.24 5.97
CA GLY C 248 -6.99 38.32 6.58
C GLY C 248 -8.06 38.94 5.73
N TYR C 249 -8.65 38.18 4.79
CA TYR C 249 -9.72 38.70 3.94
C TYR C 249 -11.04 37.93 4.09
N THR C 250 -12.13 38.49 3.59
CA THR C 250 -13.42 37.84 3.57
C THR C 250 -13.89 37.90 2.11
N ILE C 251 -14.21 36.76 1.50
CA ILE C 251 -14.61 36.76 0.09
C ILE C 251 -16.07 37.19 -0.13
N GLU C 252 -16.28 38.29 -0.91
CA GLU C 252 -17.61 38.76 -1.29
C GLU C 252 -18.13 37.88 -2.45
N TRP C 253 -17.37 37.73 -3.55
N TRP C 253 -17.32 37.70 -3.50
CA TRP C 253 -17.79 36.84 -4.65
CA TRP C 253 -17.70 36.85 -4.62
C TRP C 253 -16.60 36.10 -5.29
C TRP C 253 -16.52 36.00 -5.10
N PHE C 254 -16.81 34.81 -5.60
CA PHE C 254 -15.79 33.94 -6.17
C PHE C 254 -16.41 33.27 -7.38
N GLU C 255 -15.74 33.29 -8.50
CA GLU C 255 -16.21 32.69 -9.74
C GLU C 255 -15.12 31.82 -10.32
N VAL C 256 -15.50 30.77 -11.02
CA VAL C 256 -14.59 29.89 -11.68
C VAL C 256 -15.18 29.58 -13.06
N ILE C 257 -14.36 29.62 -14.12
CA ILE C 257 -14.82 29.19 -15.44
C ILE C 257 -14.03 27.95 -15.86
N SER C 258 -14.61 27.12 -16.74
CA SER C 258 -13.93 25.91 -17.20
C SER C 258 -12.92 26.22 -18.29
N GLN C 259 -13.16 27.29 -19.10
CA GLN C 259 -12.30 27.71 -20.21
C GLN C 259 -10.82 27.79 -19.84
N SER C 260 -9.99 27.07 -20.57
CA SER C 260 -8.54 26.99 -20.35
C SER C 260 -7.75 27.60 -21.53
N TYR C 261 -6.44 27.84 -21.34
CA TYR C 261 -5.59 28.35 -22.40
C TYR C 261 -5.33 27.22 -23.43
N SER C 262 -4.83 27.56 -24.62
CA SER C 262 -4.50 26.55 -25.64
C SER C 262 -3.47 25.56 -25.08
N SER C 263 -3.57 24.27 -25.40
CA SER C 263 -2.67 23.24 -24.87
C SER C 263 -1.19 23.59 -25.05
N THR C 264 -0.86 24.32 -26.13
CA THR C 264 0.49 24.75 -26.47
C THR C 264 0.97 25.97 -25.62
N MET C 265 0.09 26.57 -24.83
CA MET C 265 0.44 27.72 -24.01
C MET C 265 0.41 27.39 -22.52
N ALA C 266 -0.45 26.47 -22.06
CA ALA C 266 -0.53 26.14 -20.62
C ALA C 266 -1.31 24.84 -20.32
N ASN C 267 -1.11 24.25 -19.13
CA ASN C 267 -1.86 23.07 -18.72
C ASN C 267 -2.94 23.45 -17.68
N ASN C 268 -3.49 24.67 -17.72
CA ASN C 268 -4.49 25.08 -16.74
C ASN C 268 -5.84 24.39 -16.92
N GLU C 269 -6.61 24.30 -15.85
CA GLU C 269 -7.94 23.72 -15.87
C GLU C 269 -8.86 24.85 -15.40
N GLY C 270 -9.09 25.81 -16.29
CA GLY C 270 -9.91 26.97 -16.00
C GLY C 270 -9.18 28.12 -15.34
N LEU C 271 -9.96 29.13 -14.91
CA LEU C 271 -9.50 30.34 -14.26
C LEU C 271 -10.49 30.73 -13.15
N PHE C 272 -10.01 31.47 -12.16
CA PHE C 272 -10.87 32.00 -11.13
C PHE C 272 -10.81 33.54 -11.15
N SER C 273 -11.78 34.15 -10.47
CA SER C 273 -11.82 35.58 -10.21
C SER C 273 -12.50 35.76 -8.86
N LEU C 274 -12.01 36.71 -8.07
CA LEU C 274 -12.59 36.96 -6.76
C LEU C 274 -12.53 38.40 -6.36
N VAL C 275 -13.47 38.81 -5.54
CA VAL C 275 -13.47 40.12 -4.94
C VAL C 275 -13.61 39.84 -3.44
N ALA C 276 -12.59 40.20 -2.68
CA ALA C 276 -12.55 40.01 -1.26
C ALA C 276 -12.38 41.37 -0.55
N ARG C 277 -12.62 41.42 0.75
CA ARG C 277 -12.51 42.62 1.56
C ARG C 277 -11.50 42.38 2.67
N LYS C 278 -10.63 43.37 2.91
CA LYS C 278 -9.63 43.26 3.97
C LYS C 278 -10.29 43.40 5.35
N LEU C 279 -10.11 42.43 6.24
CA LEU C 279 -10.67 42.52 7.58
C LEU C 279 -9.70 43.35 8.46
N SER C 280 -10.21 43.96 9.54
CA SER C 280 -9.42 44.73 10.51
C SER C 280 -8.33 45.65 9.87
N SER D 22 -10.17 -24.38 4.77
CA SER D 22 -10.72 -25.74 4.71
C SER D 22 -11.17 -26.25 6.10
N GLY D 23 -12.05 -25.47 6.75
CA GLY D 23 -12.66 -25.75 8.06
C GLY D 23 -11.78 -26.34 9.14
N PHE D 24 -10.84 -25.55 9.70
CA PHE D 24 -9.94 -26.07 10.74
C PHE D 24 -10.64 -26.57 12.01
N THR D 25 -10.20 -27.74 12.50
CA THR D 25 -10.73 -28.41 13.68
C THR D 25 -10.59 -27.58 14.94
N SER D 26 -11.73 -27.24 15.59
CA SER D 26 -11.68 -26.44 16.80
C SER D 26 -11.19 -27.27 17.98
N LYS D 27 -10.57 -26.65 18.99
CA LYS D 27 -10.07 -27.40 20.14
C LYS D 27 -11.21 -28.01 21.02
N ASP D 28 -12.44 -27.55 20.83
CA ASP D 28 -13.59 -28.15 21.48
C ASP D 28 -13.81 -29.55 20.83
N THR D 29 -13.61 -29.68 19.50
CA THR D 29 -13.70 -30.96 18.76
C THR D 29 -12.67 -32.00 19.25
N TYR D 30 -11.60 -31.54 19.90
CA TYR D 30 -10.62 -32.41 20.51
C TYR D 30 -11.19 -33.01 21.81
N LEU D 31 -11.97 -32.23 22.55
CA LEU D 31 -12.61 -32.68 23.79
C LEU D 31 -13.72 -33.71 23.54
N SER D 32 -14.52 -33.52 22.48
CA SER D 32 -15.62 -34.43 22.18
C SER D 32 -15.35 -35.53 21.14
N HIS D 33 -14.50 -35.28 20.11
CA HIS D 33 -14.31 -36.29 19.05
C HIS D 33 -12.96 -37.01 19.02
N PHE D 34 -12.01 -36.62 19.85
CA PHE D 34 -10.71 -37.30 19.86
C PHE D 34 -10.74 -38.43 20.89
N ASN D 35 -10.84 -39.67 20.42
CA ASN D 35 -10.83 -40.84 21.30
C ASN D 35 -9.38 -41.26 21.55
N PRO D 36 -8.85 -41.05 22.75
CA PRO D 36 -7.44 -41.37 23.00
C PRO D 36 -7.01 -42.81 22.75
N ARG D 37 -7.87 -43.79 23.06
CA ARG D 37 -7.51 -45.18 22.83
C ARG D 37 -7.59 -45.56 21.35
N ASP D 38 -8.47 -44.91 20.58
CA ASP D 38 -8.52 -45.13 19.13
C ASP D 38 -7.29 -44.54 18.43
N TYR D 39 -6.72 -43.47 18.97
CA TYR D 39 -5.53 -42.83 18.44
C TYR D 39 -4.32 -43.74 18.68
N LEU D 40 -4.14 -44.23 19.92
CA LEU D 40 -3.05 -45.15 20.28
C LEU D 40 -3.05 -46.40 19.44
N GLU D 41 -4.25 -46.94 19.15
CA GLU D 41 -4.42 -48.15 18.35
C GLU D 41 -4.08 -47.91 16.89
N LYS D 42 -4.38 -46.73 16.36
CA LYS D 42 -4.13 -46.43 14.96
C LYS D 42 -2.68 -46.09 14.66
N TYR D 43 -2.05 -45.35 15.56
CA TYR D 43 -0.69 -44.87 15.32
C TYR D 43 0.42 -45.52 16.10
N TYR D 44 0.12 -46.17 17.23
CA TYR D 44 1.16 -46.66 18.12
C TYR D 44 1.07 -48.14 18.51
N LYS D 45 0.20 -48.92 17.83
CA LYS D 45 0.03 -50.33 18.16
C LYS D 45 1.28 -51.13 17.79
N SER D 51 4.31 -51.46 8.68
CA SER D 51 3.50 -50.30 8.29
C SER D 51 4.29 -48.99 8.32
N ALA D 52 3.83 -47.97 7.58
CA ALA D 52 4.44 -46.65 7.56
C ALA D 52 4.46 -46.05 8.98
N GLU D 53 3.37 -46.29 9.75
CA GLU D 53 3.20 -45.85 11.14
C GLU D 53 4.28 -46.43 12.03
N SER D 54 4.65 -47.70 11.82
CA SER D 54 5.68 -48.34 12.63
C SER D 54 7.06 -47.79 12.29
N GLN D 55 7.32 -47.52 10.99
CA GLN D 55 8.60 -46.93 10.56
C GLN D 55 8.77 -45.51 11.17
N ILE D 56 7.70 -44.71 11.14
CA ILE D 56 7.67 -43.37 11.71
C ILE D 56 7.95 -43.40 13.20
N LEU D 57 7.27 -44.28 13.93
CA LEU D 57 7.51 -44.42 15.36
C LEU D 57 8.99 -44.78 15.67
N LYS D 58 9.60 -45.62 14.82
CA LYS D 58 11.01 -45.99 14.94
C LYS D 58 11.93 -44.78 14.72
N HIS D 59 11.67 -43.99 13.68
CA HIS D 59 12.47 -42.80 13.42
C HIS D 59 12.33 -41.76 14.53
N LEU D 60 11.10 -41.56 15.05
CA LEU D 60 10.85 -40.65 16.17
C LEU D 60 11.66 -41.12 17.40
N LEU D 61 11.60 -42.43 17.70
CA LEU D 61 12.31 -43.01 18.84
C LEU D 61 13.82 -42.86 18.71
N LYS D 62 14.35 -43.12 17.50
CA LYS D 62 15.77 -42.98 17.18
C LYS D 62 16.24 -41.54 17.29
N ASN D 63 15.41 -40.58 16.90
CA ASN D 63 15.74 -39.16 17.02
C ASN D 63 15.68 -38.69 18.49
N LEU D 64 14.70 -39.17 19.27
CA LEU D 64 14.59 -38.78 20.68
C LEU D 64 15.78 -39.31 21.47
N PHE D 65 16.21 -40.55 21.18
CA PHE D 65 17.37 -41.14 21.83
C PHE D 65 18.61 -40.33 21.43
N LYS D 66 18.74 -39.96 20.14
CA LYS D 66 19.87 -39.16 19.70
C LYS D 66 19.94 -37.82 20.44
N ILE D 67 18.80 -37.07 20.47
CA ILE D 67 18.70 -35.76 21.13
C ILE D 67 19.00 -35.80 22.64
N PHE D 68 18.37 -36.72 23.39
CA PHE D 68 18.51 -36.74 24.84
C PHE D 68 19.71 -37.57 25.37
N CYS D 69 20.16 -38.62 24.64
CA CYS D 69 21.29 -39.43 25.15
C CYS D 69 22.62 -39.16 24.44
N LEU D 70 22.63 -39.06 23.11
CA LEU D 70 23.87 -38.84 22.37
C LEU D 70 24.26 -37.38 22.41
N ASP D 71 23.27 -36.49 22.21
CA ASP D 71 23.46 -35.05 22.27
C ASP D 71 23.34 -34.53 23.73
N GLY D 72 23.53 -33.23 23.94
CA GLY D 72 23.53 -32.67 25.28
C GLY D 72 22.23 -32.09 25.78
N VAL D 73 21.07 -32.57 25.26
CA VAL D 73 19.78 -32.06 25.73
C VAL D 73 19.48 -32.70 27.10
N LYS D 74 19.91 -32.00 28.17
CA LYS D 74 19.79 -32.43 29.56
C LYS D 74 19.43 -31.26 30.48
N GLY D 75 18.87 -31.58 31.65
CA GLY D 75 18.53 -30.57 32.64
C GLY D 75 17.70 -31.07 33.80
N ASP D 76 17.08 -30.15 34.55
CA ASP D 76 16.24 -30.48 35.69
C ASP D 76 14.80 -30.62 35.30
N LEU D 77 14.28 -29.70 34.49
CA LEU D 77 12.87 -29.73 34.13
C LEU D 77 12.64 -29.73 32.64
N LEU D 78 11.84 -30.69 32.19
CA LEU D 78 11.36 -30.82 30.83
C LEU D 78 9.85 -30.76 30.91
N ILE D 79 9.23 -29.96 30.02
CA ILE D 79 7.78 -29.88 29.89
C ILE D 79 7.38 -30.43 28.51
N ASP D 80 6.52 -31.45 28.50
CA ASP D 80 6.01 -32.00 27.27
C ASP D 80 4.63 -31.39 26.99
N ILE D 81 4.51 -30.77 25.82
CA ILE D 81 3.33 -30.06 25.38
C ILE D 81 2.53 -30.87 24.35
N GLY D 82 1.27 -31.07 24.66
CA GLY D 82 0.37 -31.82 23.79
C GLY D 82 0.71 -33.29 23.78
N SER D 83 1.08 -33.80 24.99
CA SER D 83 1.46 -35.19 25.28
C SER D 83 0.41 -36.18 24.82
N GLY D 84 -0.87 -35.78 24.86
CA GLY D 84 -2.00 -36.61 24.48
C GLY D 84 -2.05 -37.80 25.40
N PRO D 85 -2.30 -38.97 24.83
CA PRO D 85 -2.32 -40.20 25.63
C PRO D 85 -1.01 -41.00 25.48
N THR D 86 0.04 -40.41 24.88
CA THR D 86 1.30 -41.08 24.54
C THR D 86 2.45 -40.73 25.47
N ILE D 87 3.27 -41.75 25.77
CA ILE D 87 4.44 -41.66 26.62
C ILE D 87 5.75 -42.00 25.85
N TYR D 88 5.65 -42.47 24.58
CA TYR D 88 6.80 -42.87 23.76
C TYR D 88 7.86 -41.80 23.69
N GLN D 89 7.43 -40.52 23.66
CA GLN D 89 8.30 -39.36 23.54
C GLN D 89 9.04 -38.99 24.82
N LEU D 90 8.75 -39.67 25.93
CA LEU D 90 9.37 -39.38 27.23
C LEU D 90 10.37 -40.46 27.68
N LEU D 91 10.44 -41.61 26.95
CA LEU D 91 11.23 -42.79 27.27
C LEU D 91 12.73 -42.53 27.38
N SER D 92 13.34 -41.75 26.46
CA SER D 92 14.76 -41.38 26.57
C SER D 92 14.94 -40.09 27.36
N ALA D 93 14.01 -39.15 27.26
CA ALA D 93 14.05 -37.87 27.98
C ALA D 93 14.15 -38.04 29.49
N CYS D 94 13.54 -39.10 30.06
CA CYS D 94 13.59 -39.35 31.52
C CYS D 94 14.99 -39.71 32.02
N GLU D 95 15.86 -40.18 31.11
CA GLU D 95 17.25 -40.43 31.46
C GLU D 95 18.02 -39.12 31.60
N SER D 96 17.63 -38.08 30.85
CA SER D 96 18.33 -36.80 30.84
C SER D 96 17.69 -35.69 31.68
N PHE D 97 16.44 -35.84 32.11
CA PHE D 97 15.77 -34.80 32.93
C PHE D 97 15.29 -35.36 34.27
N LYS D 98 15.63 -34.69 35.37
CA LYS D 98 15.19 -35.12 36.69
C LYS D 98 13.66 -35.02 36.87
N GLU D 99 13.03 -33.97 36.34
CA GLU D 99 11.59 -33.81 36.43
C GLU D 99 10.93 -33.57 35.06
N ILE D 100 9.77 -34.19 34.83
CA ILE D 100 9.00 -34.09 33.61
C ILE D 100 7.55 -33.72 33.94
N VAL D 101 6.98 -32.78 33.18
CA VAL D 101 5.58 -32.39 33.31
C VAL D 101 4.90 -32.72 31.98
N VAL D 102 3.73 -33.37 32.00
CA VAL D 102 3.00 -33.70 30.79
C VAL D 102 1.75 -32.84 30.66
N THR D 103 1.48 -32.30 29.46
CA THR D 103 0.36 -31.40 29.27
C THR D 103 -0.47 -31.74 28.04
N ASP D 104 -1.73 -31.30 28.01
CA ASP D 104 -2.62 -31.45 26.88
C ASP D 104 -3.88 -30.64 27.10
N TYR D 105 -4.54 -30.27 26.01
CA TYR D 105 -5.81 -29.57 26.11
C TYR D 105 -6.91 -30.58 26.49
N SER D 106 -6.82 -31.82 25.98
CA SER D 106 -7.82 -32.82 26.24
C SER D 106 -7.61 -33.59 27.54
N ASP D 107 -8.57 -33.39 28.44
CA ASP D 107 -8.64 -33.97 29.77
C ASP D 107 -8.70 -35.49 29.67
N GLN D 108 -9.47 -36.02 28.72
CA GLN D 108 -9.59 -37.47 28.54
C GLN D 108 -8.29 -38.11 27.99
N ASN D 109 -7.43 -37.33 27.32
CA ASN D 109 -6.15 -37.81 26.83
C ASN D 109 -5.18 -37.91 28.00
N LEU D 110 -5.22 -36.92 28.93
CA LEU D 110 -4.39 -36.96 30.14
C LEU D 110 -4.91 -38.02 31.13
N GLN D 111 -6.21 -38.38 31.04
CA GLN D 111 -6.79 -39.46 31.84
C GLN D 111 -6.16 -40.77 31.35
N GLU D 112 -6.11 -40.98 30.03
CA GLU D 112 -5.49 -42.12 29.37
C GLU D 112 -4.00 -42.21 29.70
N LEU D 113 -3.32 -41.06 29.76
CA LEU D 113 -1.91 -40.97 30.12
C LEU D 113 -1.71 -41.45 31.57
N GLU D 114 -2.65 -41.12 32.46
CA GLU D 114 -2.60 -41.50 33.87
C GLU D 114 -2.91 -42.98 34.10
N LYS D 115 -3.63 -43.63 33.18
CA LYS D 115 -3.87 -45.07 33.28
C LYS D 115 -2.53 -45.81 33.14
N TRP D 116 -1.70 -45.38 32.16
CA TRP D 116 -0.39 -45.98 31.97
C TRP D 116 0.51 -45.59 33.12
N LEU D 117 0.45 -44.35 33.59
CA LEU D 117 1.25 -43.86 34.72
C LEU D 117 0.96 -44.61 36.03
N LYS D 118 -0.25 -45.16 36.16
CA LYS D 118 -0.65 -45.92 37.34
C LYS D 118 -0.55 -47.45 37.15
N ALA D 119 -0.10 -47.90 35.95
CA ALA D 119 0.05 -49.30 35.55
C ALA D 119 -1.27 -50.04 35.67
N ALA D 120 -2.36 -49.38 35.25
CA ALA D 120 -3.70 -49.96 35.26
C ALA D 120 -3.72 -51.12 34.27
N PRO D 121 -4.34 -52.25 34.63
CA PRO D 121 -4.31 -53.43 33.76
C PRO D 121 -4.75 -53.23 32.30
N ALA D 122 -5.75 -52.37 32.03
CA ALA D 122 -6.18 -52.15 30.65
C ALA D 122 -5.46 -50.99 29.96
N ALA D 123 -4.43 -50.38 30.58
CA ALA D 123 -3.66 -49.28 29.98
C ALA D 123 -3.03 -49.72 28.64
N PHE D 124 -2.60 -48.76 27.79
CA PHE D 124 -1.99 -49.12 26.52
C PHE D 124 -0.69 -49.90 26.73
N ASP D 125 -0.48 -50.92 25.91
CA ASP D 125 0.72 -51.71 26.03
C ASP D 125 1.82 -51.01 25.27
N TRP D 126 2.69 -50.30 26.00
CA TRP D 126 3.85 -49.65 25.37
C TRP D 126 5.09 -50.56 25.38
N SER D 127 4.99 -51.83 25.86
CA SER D 127 6.10 -52.78 25.95
C SER D 127 7.02 -52.88 24.72
N PRO D 128 6.55 -53.09 23.47
CA PRO D 128 7.51 -53.17 22.35
C PRO D 128 8.23 -51.83 22.09
N VAL D 129 7.59 -50.70 22.45
CA VAL D 129 8.21 -49.38 22.34
C VAL D 129 9.27 -49.27 23.43
N VAL D 130 8.98 -49.71 24.66
CA VAL D 130 9.95 -49.67 25.76
C VAL D 130 11.16 -50.56 25.46
N THR D 131 10.91 -51.75 24.90
CA THR D 131 11.98 -52.70 24.53
C THR D 131 12.92 -52.06 23.50
N TYR D 132 12.33 -51.36 22.50
CA TYR D 132 13.07 -50.68 21.45
C TYR D 132 14.00 -49.59 21.99
N VAL D 133 13.50 -48.78 22.93
CA VAL D 133 14.30 -47.71 23.53
C VAL D 133 15.40 -48.28 24.45
N CYS D 134 15.10 -49.39 25.13
CA CYS D 134 16.07 -50.10 25.96
C CYS D 134 17.20 -50.67 25.09
N ASP D 135 16.88 -51.18 23.90
CA ASP D 135 17.85 -51.71 22.94
C ASP D 135 18.72 -50.57 22.42
N LEU D 136 18.09 -49.41 22.10
CA LEU D 136 18.81 -48.24 21.60
C LEU D 136 19.78 -47.74 22.67
N GLU D 137 19.37 -47.75 23.94
CA GLU D 137 20.22 -47.28 25.03
C GLU D 137 21.35 -48.27 25.46
N GLY D 138 21.53 -49.36 24.70
CA GLY D 138 22.61 -50.32 24.93
C GLY D 138 22.29 -51.45 25.88
N ASN D 139 21.00 -51.72 26.11
CA ASN D 139 20.52 -52.78 26.99
C ASN D 139 21.11 -52.75 28.40
N ARG D 140 21.24 -51.53 28.97
CA ARG D 140 21.71 -51.36 30.33
C ARG D 140 20.58 -51.76 31.29
N VAL D 141 19.34 -51.34 31.00
CA VAL D 141 18.18 -51.67 31.80
C VAL D 141 17.17 -52.50 31.01
N LYS D 142 16.25 -53.16 31.72
CA LYS D 142 15.19 -53.90 31.09
C LYS D 142 13.89 -53.09 31.16
N GLY D 143 12.90 -53.48 30.36
CA GLY D 143 11.58 -52.86 30.27
C GLY D 143 11.00 -52.32 31.57
N PRO D 144 10.73 -53.20 32.55
CA PRO D 144 10.17 -52.72 33.83
C PRO D 144 10.95 -51.62 34.55
N GLU D 145 12.29 -51.63 34.41
CA GLU D 145 13.12 -50.61 35.05
C GLU D 145 13.00 -49.26 34.31
N LYS D 146 12.89 -49.31 32.96
CA LYS D 146 12.74 -48.11 32.15
C LYS D 146 11.41 -47.46 32.48
N GLU D 147 10.33 -48.26 32.46
CA GLU D 147 8.98 -47.85 32.77
C GLU D 147 8.91 -47.24 34.16
N GLU D 148 9.66 -47.80 35.13
CA GLU D 148 9.68 -47.26 36.47
C GLU D 148 10.34 -45.91 36.50
N LYS D 149 11.46 -45.77 35.81
CA LYS D 149 12.16 -44.48 35.75
C LYS D 149 11.27 -43.39 35.15
N LEU D 150 10.44 -43.75 34.16
CA LEU D 150 9.54 -42.80 33.54
C LEU D 150 8.36 -42.45 34.45
N ARG D 151 7.70 -43.47 35.04
CA ARG D 151 6.58 -43.22 35.98
C ARG D 151 7.00 -42.32 37.14
N GLN D 152 8.24 -42.45 37.58
CA GLN D 152 8.75 -41.70 38.70
C GLN D 152 9.10 -40.27 38.32
N ALA D 153 9.57 -40.05 37.07
CA ALA D 153 10.00 -38.74 36.55
C ALA D 153 8.84 -37.78 36.23
N VAL D 154 7.68 -38.33 35.91
CA VAL D 154 6.50 -37.53 35.60
C VAL D 154 5.89 -37.03 36.90
N LYS D 155 6.12 -35.76 37.19
CA LYS D 155 5.67 -35.13 38.42
C LYS D 155 4.28 -34.51 38.32
N GLN D 156 3.91 -33.95 37.15
CA GLN D 156 2.60 -33.30 37.01
C GLN D 156 1.91 -33.61 35.69
N VAL D 157 0.57 -33.56 35.71
CA VAL D 157 -0.30 -33.78 34.56
C VAL D 157 -1.19 -32.53 34.48
N LEU D 158 -0.67 -31.46 33.86
CA LEU D 158 -1.36 -30.19 33.78
C LEU D 158 -2.11 -29.96 32.46
N LYS D 159 -3.17 -29.14 32.52
CA LYS D 159 -3.94 -28.75 31.36
C LYS D 159 -3.12 -27.71 30.56
N CYS D 160 -3.25 -27.69 29.23
CA CYS D 160 -2.52 -26.69 28.44
C CYS D 160 -3.28 -26.24 27.19
N ASP D 161 -2.88 -25.12 26.62
CA ASP D 161 -3.43 -24.61 25.39
C ASP D 161 -2.30 -23.78 24.82
N VAL D 162 -1.69 -24.24 23.73
CA VAL D 162 -0.57 -23.58 23.06
C VAL D 162 -0.90 -22.22 22.47
N THR D 163 -2.18 -21.91 22.26
CA THR D 163 -2.58 -20.63 21.69
C THR D 163 -2.68 -19.51 22.77
N GLN D 164 -2.59 -19.87 24.05
CA GLN D 164 -2.68 -18.87 25.09
C GLN D 164 -1.30 -18.40 25.51
N SER D 165 -1.15 -17.07 25.73
CA SER D 165 0.11 -16.45 26.15
C SER D 165 0.71 -17.14 27.37
N GLN D 166 -0.15 -17.70 28.25
CA GLN D 166 0.20 -18.50 29.43
C GLN D 166 -0.39 -19.88 29.11
N PRO D 167 0.38 -20.75 28.41
CA PRO D 167 -0.19 -22.05 27.99
C PRO D 167 -0.71 -22.96 29.10
N LEU D 168 -0.16 -22.83 30.32
CA LEU D 168 -0.63 -23.64 31.44
C LEU D 168 -1.65 -22.94 32.34
N GLY D 169 -1.96 -21.68 32.07
CA GLY D 169 -2.90 -20.90 32.86
C GLY D 169 -2.29 -20.34 34.13
N ALA D 170 -3.06 -20.42 35.23
CA ALA D 170 -2.63 -19.94 36.54
C ALA D 170 -1.59 -20.85 37.23
N VAL D 171 -1.43 -22.11 36.75
CA VAL D 171 -0.48 -23.06 37.31
C VAL D 171 0.97 -22.62 37.19
N PRO D 172 1.67 -22.35 38.31
CA PRO D 172 3.07 -21.95 38.23
C PRO D 172 4.03 -23.13 38.10
N LEU D 173 5.19 -22.88 37.50
CA LEU D 173 6.25 -23.87 37.30
C LEU D 173 7.62 -23.15 37.23
N PRO D 174 8.69 -23.76 37.76
CA PRO D 174 10.01 -23.12 37.60
C PRO D 174 10.42 -23.08 36.12
N PRO D 175 11.25 -22.12 35.68
CA PRO D 175 11.59 -22.03 34.26
C PRO D 175 12.26 -23.28 33.74
N ALA D 176 11.60 -23.95 32.78
CA ALA D 176 12.09 -25.21 32.23
C ALA D 176 13.41 -25.13 31.42
N ASP D 177 14.15 -26.23 31.36
CA ASP D 177 15.36 -26.35 30.55
C ASP D 177 15.04 -26.82 29.12
N CYS D 178 13.86 -27.43 28.94
CA CYS D 178 13.45 -27.97 27.68
C CYS D 178 11.95 -28.09 27.59
N VAL D 179 11.45 -27.70 26.44
CA VAL D 179 10.05 -27.85 26.10
C VAL D 179 10.02 -28.76 24.87
N LEU D 180 9.25 -29.83 24.95
CA LEU D 180 9.16 -30.79 23.87
C LEU D 180 7.73 -30.82 23.34
N SER D 181 7.57 -31.03 22.03
CA SER D 181 6.25 -31.12 21.45
C SER D 181 6.33 -31.99 20.20
N THR D 182 5.68 -33.14 20.26
CA THR D 182 5.66 -34.09 19.17
C THR D 182 4.22 -34.20 18.66
N LEU D 183 4.05 -33.98 17.37
CA LEU D 183 2.81 -34.08 16.63
C LEU D 183 1.62 -33.31 17.24
N CYS D 184 1.86 -32.14 17.79
CA CYS D 184 0.82 -31.32 18.43
C CYS D 184 0.61 -29.98 17.70
N LEU D 185 1.71 -29.25 17.43
CA LEU D 185 1.62 -27.91 16.88
C LEU D 185 0.92 -27.83 15.55
N ASP D 186 1.20 -28.75 14.62
CA ASP D 186 0.53 -28.74 13.31
C ASP D 186 -0.98 -29.00 13.44
N ALA D 187 -1.40 -29.68 14.51
CA ALA D 187 -2.80 -29.97 14.74
C ALA D 187 -3.52 -28.78 15.42
N ALA D 188 -2.84 -28.13 16.39
CA ALA D 188 -3.37 -27.05 17.21
C ALA D 188 -3.40 -25.70 16.54
N CYS D 189 -2.63 -25.50 15.46
CA CYS D 189 -2.51 -24.20 14.80
C CYS D 189 -3.17 -24.13 13.41
N PRO D 190 -4.24 -23.30 13.29
CA PRO D 190 -4.98 -23.24 12.02
C PRO D 190 -4.25 -22.55 10.88
N ASP D 191 -3.27 -21.68 11.20
CA ASP D 191 -2.49 -20.95 10.20
C ASP D 191 -1.04 -20.68 10.66
N LEU D 192 -0.19 -20.10 9.79
CA LEU D 192 1.19 -19.83 10.15
C LEU D 192 1.32 -18.78 11.30
N PRO D 193 0.57 -17.66 11.31
CA PRO D 193 0.67 -16.72 12.45
C PRO D 193 0.34 -17.38 13.79
N THR D 194 -0.68 -18.26 13.85
CA THR D 194 -1.01 -18.95 15.11
C THR D 194 0.09 -19.92 15.53
N TYR D 195 0.74 -20.55 14.55
CA TYR D 195 1.85 -21.46 14.73
C TYR D 195 3.02 -20.72 15.35
N CYS D 196 3.33 -19.54 14.83
CA CYS D 196 4.41 -18.71 15.34
C CYS D 196 4.05 -18.18 16.73
N ARG D 197 2.76 -17.82 16.94
CA ARG D 197 2.27 -17.34 18.23
C ARG D 197 2.40 -18.42 19.30
N ALA D 198 2.10 -19.68 18.91
CA ALA D 198 2.19 -20.84 19.77
C ALA D 198 3.63 -21.09 20.24
N LEU D 199 4.61 -20.92 19.34
CA LEU D 199 6.02 -21.13 19.69
C LEU D 199 6.51 -20.11 20.72
N ARG D 200 5.98 -18.88 20.64
CA ARG D 200 6.34 -17.82 21.57
C ARG D 200 5.71 -18.08 22.94
N ASN D 201 4.49 -18.56 22.96
CA ASN D 201 3.81 -18.90 24.21
C ASN D 201 4.54 -20.03 24.93
N LEU D 202 5.11 -20.99 24.19
CA LEU D 202 5.90 -22.09 24.76
C LEU D 202 7.21 -21.62 25.33
N GLY D 203 7.85 -20.64 24.68
CA GLY D 203 9.09 -20.05 25.14
C GLY D 203 8.94 -19.34 26.47
N SER D 204 7.72 -18.86 26.78
CA SER D 204 7.46 -18.24 28.08
C SER D 204 7.70 -19.24 29.22
N LEU D 205 7.56 -20.55 28.96
CA LEU D 205 7.83 -21.61 29.93
C LEU D 205 9.35 -21.92 30.03
N LEU D 206 10.16 -21.48 29.07
CA LEU D 206 11.57 -21.77 28.97
C LEU D 206 12.45 -20.70 29.57
N LYS D 207 13.59 -21.14 30.17
CA LYS D 207 14.65 -20.28 30.66
C LYS D 207 15.27 -19.62 29.41
N PRO D 208 15.96 -18.45 29.51
CA PRO D 208 16.67 -17.94 28.33
C PRO D 208 17.77 -18.94 27.95
N GLY D 209 17.88 -19.23 26.66
CA GLY D 209 18.86 -20.21 26.18
C GLY D 209 18.42 -21.66 26.34
N GLY D 210 17.21 -21.89 26.84
CA GLY D 210 16.66 -23.24 27.01
C GLY D 210 16.33 -23.89 25.67
N PHE D 211 16.20 -25.23 25.66
CA PHE D 211 15.94 -26.00 24.43
C PHE D 211 14.48 -26.16 24.04
N LEU D 212 14.21 -26.10 22.75
CA LEU D 212 12.87 -26.38 22.21
C LEU D 212 13.06 -27.55 21.25
N VAL D 213 12.33 -28.64 21.47
CA VAL D 213 12.42 -29.81 20.59
C VAL D 213 11.06 -30.03 19.95
N ILE D 214 10.98 -29.98 18.62
CA ILE D 214 9.71 -30.21 17.92
C ILE D 214 9.85 -31.32 16.92
N MET D 215 8.87 -32.21 16.86
CA MET D 215 8.83 -33.27 15.87
C MET D 215 7.42 -33.27 15.32
N ASP D 216 7.27 -33.05 14.01
CA ASP D 216 5.93 -32.96 13.43
C ASP D 216 5.92 -33.32 11.94
N ALA D 217 4.75 -33.26 11.31
CA ALA D 217 4.61 -33.61 9.90
C ALA D 217 4.78 -32.41 8.98
N LEU D 218 5.16 -32.67 7.74
CA LEU D 218 5.26 -31.61 6.74
C LEU D 218 4.23 -31.85 5.65
N LYS D 219 3.69 -30.75 5.07
CA LYS D 219 2.74 -30.72 3.97
C LYS D 219 1.50 -31.57 4.20
N SER D 220 1.05 -31.64 5.46
CA SER D 220 -0.10 -32.45 5.80
C SER D 220 -1.32 -31.57 6.11
N SER D 221 -2.41 -31.72 5.35
CA SER D 221 -3.62 -30.93 5.60
C SER D 221 -4.62 -31.64 6.55
N TYR D 222 -4.41 -32.92 6.85
CA TYR D 222 -5.27 -33.68 7.75
C TYR D 222 -4.59 -34.93 8.28
N TYR D 223 -5.22 -35.56 9.29
CA TYR D 223 -4.87 -36.87 9.83
C TYR D 223 -6.17 -37.59 10.29
N MET D 224 -6.23 -38.90 10.11
CA MET D 224 -7.40 -39.71 10.38
C MET D 224 -7.27 -40.54 11.60
N ILE D 225 -8.31 -40.58 12.45
CA ILE D 225 -8.39 -41.51 13.57
C ILE D 225 -9.68 -42.29 13.33
N GLY D 226 -9.56 -43.32 12.51
CA GLY D 226 -10.69 -44.13 12.09
C GLY D 226 -11.29 -43.42 10.91
N GLU D 227 -12.58 -43.13 10.98
CA GLU D 227 -13.25 -42.34 9.93
C GLU D 227 -13.26 -40.84 10.26
N GLN D 228 -12.83 -40.47 11.47
CA GLN D 228 -12.77 -39.11 11.97
C GLN D 228 -11.60 -38.38 11.27
N LYS D 229 -11.88 -37.20 10.69
CA LYS D 229 -10.85 -36.41 10.03
C LYS D 229 -10.50 -35.20 10.88
N PHE D 230 -9.26 -35.16 11.39
CA PHE D 230 -8.76 -34.03 12.16
C PHE D 230 -7.86 -33.18 11.27
N SER D 231 -7.88 -31.86 11.47
CA SER D 231 -7.11 -30.91 10.69
C SER D 231 -5.63 -30.91 11.02
N SER D 232 -4.85 -30.30 10.13
CA SER D 232 -3.41 -30.15 10.22
C SER D 232 -3.01 -28.95 9.37
N LEU D 233 -2.04 -28.17 9.83
CA LEU D 233 -1.51 -27.01 9.10
C LEU D 233 -0.50 -27.59 8.14
N PRO D 234 -0.74 -27.45 6.82
CA PRO D 234 0.16 -28.08 5.82
C PRO D 234 1.45 -27.34 5.56
N LEU D 235 2.18 -27.03 6.62
CA LEU D 235 3.49 -26.38 6.63
C LEU D 235 4.55 -27.10 5.83
N GLY D 236 5.40 -26.31 5.19
CA GLY D 236 6.63 -26.80 4.57
C GLY D 236 7.80 -26.46 5.50
N ARG D 237 8.94 -27.14 5.33
CA ARG D 237 10.12 -26.92 6.17
C ARG D 237 10.60 -25.44 6.27
N GLU D 238 10.40 -24.64 5.22
CA GLU D 238 10.79 -23.24 5.20
C GLU D 238 9.88 -22.39 6.08
N ALA D 239 8.58 -22.69 6.10
CA ALA D 239 7.63 -21.99 6.96
C ALA D 239 7.87 -22.37 8.44
N VAL D 240 8.31 -23.63 8.72
CA VAL D 240 8.62 -24.05 10.08
C VAL D 240 9.83 -23.22 10.58
N GLU D 241 10.90 -23.20 9.75
CA GLU D 241 12.11 -22.43 10.01
C GLU D 241 11.80 -20.95 10.26
N ALA D 242 10.98 -20.34 9.41
CA ALA D 242 10.58 -18.94 9.58
C ALA D 242 9.79 -18.71 10.90
N ALA D 243 8.77 -19.58 11.18
CA ALA D 243 7.98 -19.40 12.40
C ALA D 243 8.86 -19.54 13.65
N VAL D 244 9.81 -20.49 13.66
CA VAL D 244 10.70 -20.69 14.81
C VAL D 244 11.56 -19.45 15.09
N LYS D 245 12.21 -18.91 14.05
CA LYS D 245 13.06 -17.72 14.16
C LYS D 245 12.28 -16.48 14.62
N GLU D 246 11.12 -16.19 13.99
CA GLU D 246 10.29 -15.05 14.38
C GLU D 246 9.84 -15.16 15.84
N ALA D 247 9.57 -16.38 16.33
CA ALA D 247 9.13 -16.57 17.69
C ALA D 247 10.22 -16.41 18.76
N GLY D 248 11.45 -16.06 18.33
CA GLY D 248 12.55 -15.82 19.24
C GLY D 248 13.48 -16.98 19.52
N TYR D 249 13.70 -17.87 18.52
CA TYR D 249 14.62 -18.98 18.70
C TYR D 249 15.71 -19.01 17.64
N THR D 250 16.81 -19.74 17.91
CA THR D 250 17.84 -20.03 16.95
C THR D 250 17.87 -21.56 16.79
N ILE D 251 17.84 -22.07 15.56
CA ILE D 251 17.83 -23.51 15.30
C ILE D 251 19.24 -24.06 15.29
N GLU D 252 19.54 -25.08 16.12
N GLU D 252 19.53 -25.00 16.18
CA GLU D 252 20.88 -25.68 16.09
CA GLU D 252 20.83 -25.64 16.27
C GLU D 252 20.93 -26.91 15.17
C GLU D 252 20.87 -26.91 15.38
N TRP D 253 19.88 -27.74 15.11
N TRP D 253 19.72 -27.55 15.14
CA TRP D 253 19.85 -28.83 14.14
CA TRP D 253 19.67 -28.75 14.31
C TRP D 253 18.42 -29.11 13.67
C TRP D 253 18.30 -28.85 13.63
N PHE D 254 18.28 -29.27 12.34
CA PHE D 254 17.01 -29.45 11.66
C PHE D 254 17.11 -30.65 10.74
N GLU D 255 16.20 -31.60 10.93
CA GLU D 255 16.16 -32.81 10.15
C GLU D 255 14.80 -32.97 9.49
N VAL D 256 14.80 -33.51 8.30
CA VAL D 256 13.58 -33.80 7.55
C VAL D 256 13.71 -35.21 7.01
N ILE D 257 12.61 -35.99 7.04
CA ILE D 257 12.57 -37.31 6.43
C ILE D 257 11.49 -37.33 5.36
N SER D 258 11.61 -38.23 4.37
CA SER D 258 10.63 -38.34 3.30
C SER D 258 9.51 -39.34 3.61
N GLN D 259 9.71 -40.24 4.61
CA GLN D 259 8.73 -41.23 5.02
C GLN D 259 7.44 -40.57 5.45
N SER D 260 6.35 -40.99 4.83
CA SER D 260 5.02 -40.46 5.14
C SER D 260 4.12 -41.52 5.79
N TYR D 261 3.07 -41.10 6.51
CA TYR D 261 2.11 -42.04 7.10
C TYR D 261 1.36 -42.75 5.94
N SER D 262 0.55 -43.79 6.23
CA SER D 262 -0.20 -44.46 5.16
C SER D 262 -1.18 -43.50 4.50
N SER D 263 -1.48 -43.70 3.22
CA SER D 263 -2.44 -42.91 2.44
C SER D 263 -3.80 -42.85 3.15
N THR D 264 -4.18 -43.93 3.83
CA THR D 264 -5.44 -44.04 4.57
C THR D 264 -5.48 -43.15 5.81
N MET D 265 -4.31 -42.67 6.30
CA MET D 265 -4.17 -41.88 7.52
C MET D 265 -3.91 -40.42 7.31
N ALA D 266 -3.06 -40.02 6.35
CA ALA D 266 -2.70 -38.62 6.18
C ALA D 266 -2.14 -38.29 4.77
N ASN D 267 -2.14 -37.02 4.38
CA ASN D 267 -1.56 -36.60 3.10
C ASN D 267 -0.21 -35.89 3.32
N ASN D 268 0.55 -36.35 4.35
CA ASN D 268 1.83 -35.72 4.66
C ASN D 268 2.92 -36.12 3.69
N GLU D 269 3.88 -35.23 3.51
CA GLU D 269 5.03 -35.46 2.67
C GLU D 269 6.22 -35.37 3.57
N GLY D 270 6.39 -36.38 4.42
CA GLY D 270 7.49 -36.45 5.37
C GLY D 270 7.25 -35.85 6.74
N LEU D 271 8.32 -35.73 7.50
CA LEU D 271 8.30 -35.20 8.86
C LEU D 271 9.54 -34.38 9.12
N PHE D 272 9.52 -33.51 10.13
CA PHE D 272 10.70 -32.78 10.54
C PHE D 272 10.95 -33.00 12.04
N SER D 273 12.20 -32.75 12.46
CA SER D 273 12.67 -32.75 13.83
C SER D 273 13.56 -31.52 13.94
N LEU D 274 13.44 -30.77 15.03
CA LEU D 274 14.29 -29.62 15.24
C LEU D 274 14.65 -29.45 16.68
N VAL D 275 15.84 -28.91 16.90
CA VAL D 275 16.30 -28.57 18.23
C VAL D 275 16.68 -27.11 18.10
N ALA D 276 15.93 -26.25 18.77
CA ALA D 276 16.15 -24.82 18.72
C ALA D 276 16.49 -24.30 20.15
N ARG D 277 16.99 -23.06 20.23
CA ARG D 277 17.42 -22.44 21.45
C ARG D 277 16.75 -21.11 21.61
N LYS D 278 16.11 -20.88 22.74
CA LYS D 278 15.43 -19.61 23.00
C LYS D 278 16.47 -18.49 23.09
N LEU D 279 16.36 -17.47 22.22
CA LEU D 279 17.27 -16.33 22.23
C LEU D 279 17.03 -15.48 23.49
N SER D 280 18.10 -14.91 24.08
CA SER D 280 17.97 -14.06 25.27
C SER D 280 17.75 -12.61 24.93
N SAH E . 9.32 -7.59 -16.67
CA SAH E . 8.67 -6.75 -15.65
CB SAH E . 7.81 -7.49 -14.58
CG SAH E . 8.59 -8.58 -13.85
SD SAH E . 7.61 -8.97 -12.37
C SAH E . 9.80 -5.86 -15.07
O SAH E . 10.90 -5.79 -15.57
OXT SAH E . 9.44 -5.18 -14.03
C5' SAH E . 7.59 -10.78 -12.34
C4' SAH E . 6.70 -11.27 -13.46
O4' SAH E . 6.88 -12.69 -13.66
C3' SAH E . 5.21 -11.03 -13.21
O3' SAH E . 4.61 -10.23 -14.21
C2' SAH E . 4.62 -12.45 -13.16
O2' SAH E . 3.31 -12.55 -13.69
C1' SAH E . 5.61 -13.20 -14.04
N9 SAH E . 5.59 -14.64 -13.86
C8 SAH E . 5.54 -15.34 -12.68
N7 SAH E . 5.52 -16.64 -12.83
C5 SAH E . 5.58 -16.81 -14.20
C6 SAH E . 5.66 -17.97 -15.01
N6 SAH E . 5.78 -19.22 -14.52
N1 SAH E . 5.72 -17.80 -16.35
C2 SAH E . 5.73 -16.55 -16.84
N3 SAH E . 5.68 -15.40 -16.17
C4 SAH E . 5.61 -15.59 -14.85
C1 U0Z F . 12.38 -8.48 -8.10
C2 U0Z F . 12.44 -7.12 -7.77
C7 U0Z F . 10.80 -7.69 -9.62
C8 U0Z F . 11.29 -10.19 -9.53
C9 U0Z F . 13.05 -10.84 -7.87
C10 U0Z F . 14.03 -9.01 -6.48
C11 U0Z F . 14.11 -7.66 -6.13
C13 U0Z F . 12.52 -11.00 -9.29
N3 U0Z F . 11.49 -8.79 -9.12
C4 U0Z F . 13.21 -9.43 -7.49
S5 U0Z F . 11.29 -6.21 -8.67
C6 U0Z F . 13.27 -6.71 -6.74
N12 U0Z F . 9.89 -7.85 -10.48
N SAH G . -10.62 2.00 10.61
CA SAH G . -9.56 2.68 11.37
CB SAH G . -8.64 3.65 10.55
CG SAH G . -9.46 4.73 9.86
SD SAH G . -8.35 5.97 9.11
C SAH G . -10.37 3.35 12.50
O SAH G . -11.52 3.05 12.71
OXT SAH G . -9.71 4.21 13.21
C5' SAH G . -8.95 6.02 7.41
C4' SAH G . -8.42 4.80 6.70
O4' SAH G . -8.89 4.86 5.34
C3' SAH G . -6.88 4.81 6.62
O3' SAH G . -6.33 3.63 7.20
C2' SAH G . -6.59 4.98 5.11
O2' SAH G . -5.46 4.24 4.70
C1' SAH G . -7.85 4.38 4.52
N9 SAH G . -8.13 4.77 3.14
C8 SAH G . -7.89 5.98 2.54
N7 SAH G . -8.19 6.01 1.26
C5 SAH G . -8.67 4.73 1.01
C6 SAH G . -9.14 4.11 -0.17
N6 SAH G . -9.24 4.73 -1.36
N1 SAH G . -9.53 2.82 -0.08
C2 SAH G . -9.47 2.21 1.09
N3 SAH G . -9.05 2.68 2.27
C4 SAH G . -8.64 3.96 2.15
C1 U0Z H . -11.72 11.04 11.09
C2 U0Z H . -11.47 11.23 12.44
C7 U0Z H . -10.37 9.19 11.42
C8 U0Z H . -11.30 9.62 9.10
C9 U0Z H . -12.76 11.63 8.91
C10 U0Z H . -13.10 12.97 11.01
C11 U0Z H . -12.87 13.16 12.38
C13 U0Z H . -12.62 10.14 8.61
N3 U0Z H . -11.14 9.92 10.53
C4 U0Z H . -12.54 11.90 10.35
S5 U0Z H . -10.51 9.94 13.06
C6 U0Z H . -12.00 12.32 13.08
N12 U0Z H . -9.76 8.12 11.06
N SAH I . -1.02 41.49 -15.14
CA SAH I . -0.51 41.07 -16.46
CB SAH I . 0.89 40.38 -16.47
CG SAH I . 0.92 39.08 -15.70
SD SAH I . 2.43 38.22 -16.24
C SAH I . -1.63 40.20 -17.11
O SAH I . -2.75 40.10 -16.65
OXT SAH I . -1.25 39.60 -18.21
C5' SAH I . 3.23 37.79 -14.68
C4' SAH I . 3.85 39.04 -14.12
O4' SAH I . 4.23 38.93 -12.73
C3' SAH I . 5.12 39.49 -14.88
O3' SAH I . 4.99 40.86 -15.23
C2' SAH I . 6.23 39.30 -13.84
O2' SAH I . 7.35 40.18 -13.99
C1' SAH I . 5.47 39.57 -12.56
N9 SAH I . 6.12 39.03 -11.35
C8 SAH I . 6.80 37.84 -11.23
N7 SAH I . 7.27 37.63 -10.03
C5 SAH I . 6.89 38.76 -9.32
C6 SAH I . 7.11 39.15 -7.98
N6 SAH I . 7.82 38.43 -7.10
N1 SAH I . 6.61 40.34 -7.60
C2 SAH I . 5.95 41.09 -8.48
N3 SAH I . 5.70 40.82 -9.76
C4 SAH I . 6.19 39.63 -10.11
C1 U0Z J . -0.54 32.44 -16.78
C2 U0Z J . -0.90 32.57 -18.11
C7 U0Z J . 0.20 34.63 -17.09
C8 U0Z J . 0.56 33.55 -14.83
C9 U0Z J . -0.29 31.18 -14.67
C10 U0Z J . -1.34 30.19 -16.77
C11 U0Z J . -1.73 30.33 -18.08
C13 U0Z J . -0.23 32.57 -14.02
N3 U0Z J . 0.07 33.57 -16.21
C4 U0Z J . -0.76 31.27 -16.07
S5 U0Z J . -0.54 34.14 -18.66
C6 U0Z J . -1.47 31.51 -18.79
N12 U0Z J . 0.74 35.73 -16.76
N SAH K . 2.19 -35.96 21.52
CA SAH K . 1.35 -37.05 21.03
CB SAH K . -0.15 -36.73 20.67
CG SAH K . -0.27 -35.69 19.56
SD SAH K . -2.01 -35.62 19.06
C SAH K . 2.17 -37.66 19.86
O SAH K . 3.35 -37.43 19.74
OXT SAH K . 1.50 -38.46 19.08
C5' SAH K . -2.35 -33.85 19.09
C4' SAH K . -2.65 -33.47 20.52
O4' SAH K . -2.73 -32.04 20.66
C3' SAH K . -3.98 -34.03 21.04
O3' SAH K . -3.78 -34.76 22.26
C2' SAH K . -4.84 -32.78 21.25
O2' SAH K . -5.77 -32.90 22.33
C1' SAH K . -3.78 -31.74 21.54
N9 SAH K . -4.20 -30.35 21.34
C8 SAH K . -4.98 -29.84 20.34
N7 SAH K . -5.13 -28.55 20.38
C5 SAH K . -4.38 -28.17 21.49
C6 SAH K . -4.12 -26.91 22.08
N6 SAH K . -4.62 -25.76 21.64
N1 SAH K . -3.32 -26.89 23.16
C2 SAH K . -2.86 -28.04 23.66
N3 SAH K . -3.05 -29.28 23.21
C4 SAH K . -3.82 -29.26 22.10
C1 U0Z L . -0.46 -35.92 12.60
C2 U0Z L . -0.40 -37.32 12.43
C7 U0Z L . -0.78 -36.56 14.84
C8 U0Z L . -0.82 -34.08 14.24
C9 U0Z L . -0.45 -33.58 11.81
C10 U0Z L . -0.10 -35.58 10.26
C11 U0Z L . -0.02 -36.96 10.08
C13 U0Z L . -0.06 -33.23 13.25
N3 U0Z L . -0.68 -35.50 13.91
C4 U0Z L . -0.33 -35.04 11.54
S5 U0Z L . -0.57 -38.14 13.95
C6 U0Z L . -0.22 -37.84 11.16
N12 U0Z L . -1.00 -36.35 16.07
#